data_5BO1
#
_entry.id   5BO1
#
_cell.length_a   53.258
_cell.length_b   80.978
_cell.length_c   155.616
_cell.angle_alpha   90.00
_cell.angle_beta   94.39
_cell.angle_gamma   90.00
#
_symmetry.space_group_name_H-M   'P 1 21 1'
#
loop_
_entity.id
_entity.type
_entity.pdbx_description
1 polymer 'Protein jagged-1'
2 polymer 'Fab heavy chain'
3 polymer 'Fab light chain'
4 non-polymer GLYCEROL
5 water water
#
loop_
_entity_poly.entity_id
_entity_poly.type
_entity_poly.pdbx_seq_one_letter_code
_entity_poly.pdbx_strand_id
1 'polypeptide(L)'
;TCDDYYYGFGCNKFCRPRDDFFGHYACDQNGNKTCMEGWMGPECNRAICRQGCSPKHGSCKLPGDCRCQYGWQGLYCDKC
IPHPGCVHGICNEPWQCLCETNWGGQLCDKDLNYCGTHQPCLNGGTCSNTGPDKYQCSCPEGYSGPNCEI
;
A,B
2 'polypeptide(L)'
;EVQLVESGGGLVQPGGSLRLSCAASGFTFSNYGIHWVRQAPGKGLEWVGWITPDGGYTDYADSVKGRFTISADTSKNTAY
LQMNSLRAEDTAVYYCARAGTLFAYWGQGTLVTVSSASTKGPSVFPLAPSSKSTSGGTAALGCLVKDYFPEPVTVSWNSG
ALTSGVHTFPAVLQSSGLYSLSSVVTVPSSSLGTQTYICNVNHKPSNTKVDKKVEPKSC
;
H,I
3 'polypeptide(L)'
;DIQMTQSPSSLSASVGDRVTITCRASQDVSTAVAWYQQKPGKAPKLLIYSASFLYSGVPSRFSGSGSGTDFTLTISSLQP
EDFATYYCQQYYTTATTFGQGTKVEIKRTVAAPSVFIFPPSDEQLKSGTASVVCLLNNFYPREAKVQWKVDNALQSGNSQ
ESVTEQDSKDSTYSLSSTLTLSKADYEKHKVYACEVTHQGLSSPVTKSFNRGEC
;
L,M
#
loop_
_chem_comp.id
_chem_comp.type
_chem_comp.name
_chem_comp.formula
GOL non-polymer GLYCEROL 'C3 H8 O3'
#
# COMPACT_ATOMS: atom_id res chain seq x y z
N THR A 1 -2.65 3.59 -59.05
CA THR A 1 -4.01 3.22 -59.45
C THR A 1 -5.05 4.07 -58.69
N CYS A 2 -5.22 3.84 -57.38
CA CYS A 2 -6.18 4.61 -56.57
C CYS A 2 -5.56 5.88 -56.00
N ASP A 3 -6.37 6.94 -55.90
CA ASP A 3 -5.98 8.22 -55.31
C ASP A 3 -6.06 8.08 -53.79
N ASP A 4 -5.64 9.12 -53.06
CA ASP A 4 -5.75 9.11 -51.60
C ASP A 4 -7.23 9.03 -51.21
N TYR A 5 -7.55 8.17 -50.22
CA TYR A 5 -8.88 7.92 -49.63
C TYR A 5 -9.86 7.18 -50.57
N TYR A 6 -9.34 6.58 -51.65
CA TYR A 6 -10.15 5.80 -52.59
C TYR A 6 -9.61 4.38 -52.65
N TYR A 7 -10.51 3.40 -52.46
CA TYR A 7 -10.18 1.98 -52.39
C TYR A 7 -11.21 1.16 -53.17
N GLY A 8 -10.95 -0.15 -53.28
CA GLY A 8 -11.84 -1.08 -53.98
C GLY A 8 -11.40 -1.40 -55.38
N PHE A 9 -12.19 -2.24 -56.08
CA PHE A 9 -11.93 -2.69 -57.45
C PHE A 9 -11.67 -1.54 -58.44
N GLY A 10 -12.60 -0.59 -58.53
CA GLY A 10 -12.48 0.55 -59.43
C GLY A 10 -12.28 1.87 -58.72
N CYS A 11 -11.65 1.83 -57.51
CA CYS A 11 -11.38 2.96 -56.61
C CYS A 11 -12.65 3.74 -56.24
N ASN A 12 -13.83 3.07 -56.32
CA ASN A 12 -15.13 3.70 -56.09
C ASN A 12 -15.62 3.69 -54.63
N LYS A 13 -14.76 3.27 -53.68
CA LYS A 13 -15.09 3.30 -52.26
C LYS A 13 -14.24 4.36 -51.55
N PHE A 14 -14.89 5.37 -50.95
CA PHE A 14 -14.21 6.46 -50.25
C PHE A 14 -14.07 6.25 -48.75
N CYS A 15 -12.88 6.58 -48.20
CA CYS A 15 -12.57 6.50 -46.78
C CYS A 15 -11.39 7.37 -46.37
N ARG A 16 -11.67 8.38 -45.55
CA ARG A 16 -10.67 9.26 -44.95
C ARG A 16 -10.84 9.17 -43.43
N PRO A 17 -9.79 8.74 -42.68
CA PRO A 17 -9.93 8.57 -41.23
C PRO A 17 -10.32 9.83 -40.45
N ARG A 18 -11.01 9.62 -39.32
CA ARG A 18 -11.53 10.66 -38.43
C ARG A 18 -11.26 10.35 -36.97
N ASP A 19 -11.08 11.41 -36.18
CA ASP A 19 -10.96 11.35 -34.73
C ASP A 19 -11.60 12.61 -34.15
N ASP A 20 -12.93 12.69 -34.30
CA ASP A 20 -13.73 13.84 -33.89
C ASP A 20 -15.17 13.43 -33.49
N PHE A 21 -16.07 14.44 -33.43
CA PHE A 21 -17.50 14.32 -33.10
C PHE A 21 -18.22 13.38 -34.07
N PHE A 22 -17.77 13.34 -35.32
CA PHE A 22 -18.38 12.55 -36.38
C PHE A 22 -17.83 11.13 -36.51
N GLY A 23 -16.71 10.84 -35.88
CA GLY A 23 -16.14 9.50 -35.96
C GLY A 23 -14.77 9.34 -35.35
N HIS A 24 -14.48 8.10 -34.93
CA HIS A 24 -13.22 7.70 -34.35
C HIS A 24 -12.86 6.40 -35.04
N TYR A 25 -12.30 6.53 -36.26
CA TYR A 25 -11.94 5.41 -37.11
C TYR A 25 -10.75 5.65 -38.00
N ALA A 26 -10.14 4.55 -38.44
CA ALA A 26 -9.07 4.48 -39.42
C ALA A 26 -9.71 3.85 -40.67
N CYS A 27 -8.96 3.68 -41.76
CA CYS A 27 -9.54 3.05 -42.94
C CYS A 27 -8.79 1.79 -43.35
N ASP A 28 -9.55 0.76 -43.77
CA ASP A 28 -8.93 -0.49 -44.22
C ASP A 28 -8.66 -0.40 -45.73
N GLN A 29 -8.03 -1.44 -46.32
CA GLN A 29 -7.69 -1.41 -47.74
C GLN A 29 -8.88 -1.70 -48.67
N ASN A 30 -10.04 -2.06 -48.09
CA ASN A 30 -11.29 -2.29 -48.82
C ASN A 30 -12.13 -1.01 -48.83
N GLY A 31 -11.66 0.02 -48.13
CA GLY A 31 -12.31 1.32 -48.01
C GLY A 31 -13.32 1.42 -46.88
N ASN A 32 -13.37 0.39 -46.03
CA ASN A 32 -14.28 0.34 -44.89
C ASN A 32 -13.62 1.01 -43.68
N LYS A 33 -14.47 1.57 -42.80
CA LYS A 33 -14.05 2.26 -41.59
C LYS A 33 -13.82 1.24 -40.49
N THR A 34 -12.64 1.31 -39.86
CA THR A 34 -12.31 0.43 -38.75
C THR A 34 -12.35 1.29 -37.50
N CYS A 35 -13.39 1.10 -36.67
CA CYS A 35 -13.60 1.84 -35.42
C CYS A 35 -12.41 1.69 -34.51
N MET A 36 -12.12 2.75 -33.75
CA MET A 36 -11.05 2.72 -32.75
C MET A 36 -11.61 1.93 -31.55
N GLU A 37 -10.74 1.37 -30.71
CA GLU A 37 -11.19 0.57 -29.57
C GLU A 37 -12.13 1.38 -28.65
N GLY A 38 -13.32 0.85 -28.46
CA GLY A 38 -14.35 1.48 -27.63
C GLY A 38 -15.34 2.29 -28.43
N TRP A 39 -15.21 2.33 -29.76
CA TRP A 39 -16.12 3.08 -30.62
C TRP A 39 -17.02 2.15 -31.40
N MET A 40 -18.26 2.61 -31.60
CA MET A 40 -19.40 1.89 -32.15
C MET A 40 -20.13 2.71 -33.22
N GLY A 41 -20.87 2.02 -34.06
CA GLY A 41 -21.68 2.61 -35.12
C GLY A 41 -21.04 2.46 -36.47
N PRO A 42 -21.82 2.63 -37.57
CA PRO A 42 -21.22 2.55 -38.92
C PRO A 42 -20.16 3.61 -39.15
N GLU A 43 -20.27 4.73 -38.40
CA GLU A 43 -19.38 5.90 -38.47
C GLU A 43 -18.46 6.06 -37.25
N CYS A 44 -18.61 5.15 -36.24
CA CYS A 44 -17.83 5.08 -34.99
C CYS A 44 -17.92 6.38 -34.15
N ASN A 45 -19.06 7.06 -34.23
CA ASN A 45 -19.33 8.31 -33.53
C ASN A 45 -19.93 8.09 -32.14
N ARG A 46 -20.41 6.85 -31.90
CA ARG A 46 -21.04 6.43 -30.64
C ARG A 46 -20.04 5.65 -29.81
N ALA A 47 -20.04 5.86 -28.49
CA ALA A 47 -19.14 5.19 -27.55
C ALA A 47 -19.70 3.87 -27.04
N ILE A 48 -18.82 2.87 -26.87
CA ILE A 48 -19.18 1.56 -26.32
C ILE A 48 -19.18 1.72 -24.81
N CYS A 49 -20.33 1.45 -24.21
CA CYS A 49 -20.55 1.56 -22.77
C CYS A 49 -19.87 0.47 -21.98
N ARG A 50 -19.86 0.64 -20.64
CA ARG A 50 -19.33 -0.33 -19.69
C ARG A 50 -20.16 -1.59 -19.87
N GLN A 51 -19.48 -2.75 -19.97
CA GLN A 51 -20.11 -4.05 -20.17
C GLN A 51 -21.23 -4.28 -19.15
N GLY A 52 -22.47 -4.14 -19.62
CA GLY A 52 -23.67 -4.33 -18.81
C GLY A 52 -24.51 -3.09 -18.55
N CYS A 53 -24.07 -1.92 -19.09
CA CYS A 53 -24.75 -0.62 -18.94
C CYS A 53 -26.19 -0.70 -19.46
N SER A 54 -27.17 -0.25 -18.65
CA SER A 54 -28.59 -0.27 -18.97
C SER A 54 -28.90 0.51 -20.25
N PRO A 55 -29.51 -0.12 -21.27
CA PRO A 55 -29.81 0.59 -22.53
C PRO A 55 -30.74 1.80 -22.39
N LYS A 56 -31.71 1.71 -21.46
CA LYS A 56 -32.70 2.76 -21.22
C LYS A 56 -32.27 3.80 -20.18
N HIS A 57 -31.60 3.36 -19.10
CA HIS A 57 -31.22 4.22 -17.98
C HIS A 57 -29.73 4.65 -17.92
N GLY A 58 -28.89 4.09 -18.79
CA GLY A 58 -27.46 4.42 -18.88
C GLY A 58 -27.02 4.81 -20.29
N SER A 59 -26.14 5.82 -20.42
CA SER A 59 -25.65 6.32 -21.72
C SER A 59 -24.13 6.51 -21.81
N CYS A 60 -23.62 6.82 -23.04
CA CYS A 60 -22.18 7.00 -23.32
C CYS A 60 -21.83 8.15 -24.22
N LYS A 61 -20.65 8.73 -23.94
CA LYS A 61 -19.95 9.76 -24.69
C LYS A 61 -18.45 9.47 -24.59
N LEU A 62 -18.06 8.59 -23.64
CA LEU A 62 -16.69 8.15 -23.42
C LEU A 62 -16.65 6.64 -23.11
N PRO A 63 -15.80 5.87 -23.80
CA PRO A 63 -15.71 4.43 -23.51
C PRO A 63 -14.69 4.09 -22.41
N GLY A 64 -15.01 3.20 -21.48
CA GLY A 64 -16.28 2.50 -21.34
C GLY A 64 -16.96 2.91 -20.04
N ASP A 65 -17.44 4.14 -20.01
CA ASP A 65 -18.16 4.73 -18.88
C ASP A 65 -19.62 4.29 -18.95
N CYS A 66 -20.38 4.53 -17.87
CA CYS A 66 -21.81 4.25 -17.82
C CYS A 66 -22.44 5.28 -16.89
N ARG A 67 -22.68 6.49 -17.43
CA ARG A 67 -23.26 7.60 -16.70
C ARG A 67 -24.75 7.34 -16.45
N CYS A 68 -25.31 8.03 -15.45
CA CYS A 68 -26.67 7.79 -15.03
C CYS A 68 -27.63 8.96 -15.21
N GLN A 69 -28.89 8.63 -15.56
CA GLN A 69 -29.98 9.59 -15.68
C GLN A 69 -30.55 9.81 -14.28
N TYR A 70 -31.05 11.02 -13.99
CA TYR A 70 -31.60 11.41 -12.69
C TYR A 70 -32.63 10.40 -12.20
N GLY A 71 -32.33 9.81 -11.05
CA GLY A 71 -33.17 8.80 -10.41
C GLY A 71 -32.63 7.39 -10.50
N TRP A 72 -31.48 7.21 -11.19
CA TRP A 72 -30.84 5.90 -11.37
C TRP A 72 -29.39 5.91 -10.90
N GLN A 73 -28.92 4.77 -10.38
CA GLN A 73 -27.59 4.60 -9.81
C GLN A 73 -26.98 3.21 -10.12
N GLY A 74 -25.71 3.07 -9.75
CA GLY A 74 -24.96 1.82 -9.89
C GLY A 74 -24.01 1.74 -11.07
N LEU A 75 -23.12 0.73 -11.03
CA LEU A 75 -22.12 0.43 -12.06
C LEU A 75 -22.77 0.20 -13.42
N TYR A 76 -23.81 -0.65 -13.46
CA TYR A 76 -24.56 -0.96 -14.68
C TYR A 76 -25.74 -0.01 -14.89
N CYS A 77 -25.91 0.94 -13.94
CA CYS A 77 -26.93 1.97 -13.94
C CYS A 77 -28.36 1.41 -14.11
N ASP A 78 -28.64 0.32 -13.36
CA ASP A 78 -29.90 -0.44 -13.38
C ASP A 78 -30.71 -0.42 -12.07
N LYS A 79 -30.26 0.38 -11.07
CA LYS A 79 -30.93 0.47 -9.76
C LYS A 79 -31.49 1.86 -9.53
N CYS A 80 -32.78 1.94 -9.15
CA CYS A 80 -33.46 3.21 -8.89
C CYS A 80 -33.01 3.83 -7.57
N ILE A 81 -33.01 5.17 -7.52
CA ILE A 81 -32.69 5.92 -6.31
C ILE A 81 -34.02 6.14 -5.59
N PRO A 82 -34.25 5.53 -4.40
CA PRO A 82 -35.53 5.75 -3.70
C PRO A 82 -35.67 7.18 -3.17
N HIS A 83 -36.91 7.65 -3.01
CA HIS A 83 -37.24 9.01 -2.55
C HIS A 83 -36.56 9.33 -1.22
N PRO A 84 -35.85 10.47 -1.09
CA PRO A 84 -35.25 10.78 0.21
C PRO A 84 -36.30 11.25 1.23
N GLY A 85 -36.21 10.76 2.47
CA GLY A 85 -35.21 9.83 2.96
C GLY A 85 -35.81 8.50 3.34
N CYS A 86 -36.22 7.72 2.32
CA CYS A 86 -36.84 6.39 2.37
C CYS A 86 -36.23 5.48 3.44
N VAL A 87 -37.05 5.04 4.42
CA VAL A 87 -36.61 4.20 5.52
C VAL A 87 -36.84 2.72 5.16
N HIS A 88 -37.96 2.10 5.59
CA HIS A 88 -38.23 0.69 5.30
C HIS A 88 -39.05 0.50 4.04
N GLY A 89 -38.50 1.01 2.96
CA GLY A 89 -39.09 0.94 1.63
C GLY A 89 -38.08 0.75 0.53
N ILE A 90 -38.56 0.24 -0.62
CA ILE A 90 -37.75 0.00 -1.82
C ILE A 90 -38.36 0.73 -3.03
N CYS A 91 -37.80 0.53 -4.23
CA CYS A 91 -38.32 1.14 -5.45
C CYS A 91 -38.26 0.21 -6.66
N ASN A 92 -39.10 0.50 -7.67
CA ASN A 92 -39.14 -0.16 -8.96
C ASN A 92 -38.74 0.91 -9.96
N GLU A 93 -39.31 2.12 -9.78
CA GLU A 93 -39.06 3.33 -10.56
C GLU A 93 -38.45 4.42 -9.64
N PRO A 94 -37.72 5.43 -10.16
CA PRO A 94 -37.12 6.44 -9.27
C PRO A 94 -38.08 7.20 -8.36
N TRP A 95 -37.55 7.66 -7.21
CA TRP A 95 -38.23 8.45 -6.16
C TRP A 95 -39.49 7.77 -5.60
N GLN A 96 -39.42 6.43 -5.46
CA GLN A 96 -40.48 5.59 -4.90
C GLN A 96 -40.01 5.02 -3.57
N CYS A 97 -40.95 4.83 -2.64
CA CYS A 97 -40.68 4.25 -1.33
C CYS A 97 -41.83 3.29 -1.03
N LEU A 98 -41.69 2.04 -1.51
CA LEU A 98 -42.65 0.94 -1.38
C LEU A 98 -42.34 0.16 -0.11
N CYS A 99 -43.20 0.32 0.91
CA CYS A 99 -43.00 -0.34 2.20
C CYS A 99 -43.30 -1.83 2.15
N GLU A 100 -42.70 -2.60 3.07
CA GLU A 100 -42.94 -4.04 3.20
C GLU A 100 -43.91 -4.23 4.37
N THR A 101 -44.04 -5.47 4.88
CA THR A 101 -44.92 -5.78 6.00
C THR A 101 -44.15 -5.49 7.32
N ASN A 102 -44.55 -4.46 8.11
CA ASN A 102 -45.67 -3.55 7.84
C ASN A 102 -45.29 -2.11 8.22
N TRP A 103 -45.15 -1.25 7.21
CA TRP A 103 -44.78 0.16 7.37
C TRP A 103 -45.54 1.03 6.40
N GLY A 104 -45.53 2.32 6.65
CA GLY A 104 -46.14 3.35 5.82
C GLY A 104 -45.37 4.58 6.25
N GLY A 105 -45.67 5.76 5.80
CA GLY A 105 -46.44 6.12 4.64
C GLY A 105 -45.53 7.10 3.92
N GLN A 106 -45.36 6.91 2.63
CA GLN A 106 -44.50 7.77 1.84
C GLN A 106 -43.05 7.48 2.10
N LEU A 107 -42.58 7.67 3.33
CA LEU A 107 -41.21 7.41 3.61
C LEU A 107 -41.02 6.11 4.27
N CYS A 108 -42.10 5.43 4.58
CA CYS A 108 -42.04 4.12 5.19
C CYS A 108 -41.22 4.13 6.51
N ASP A 109 -41.46 5.15 7.32
CA ASP A 109 -40.86 5.48 8.61
C ASP A 109 -41.89 5.41 9.74
N LYS A 110 -43.18 5.38 9.37
CA LYS A 110 -44.33 5.32 10.27
C LYS A 110 -44.75 3.87 10.47
N ASP A 111 -44.86 3.45 11.75
CA ASP A 111 -45.15 2.09 12.19
C ASP A 111 -46.59 1.63 12.01
N LEU A 112 -46.80 0.46 11.37
CA LEU A 112 -48.13 -0.12 11.21
C LEU A 112 -48.51 -1.04 12.39
N ASN A 113 -47.54 -1.32 13.27
CA ASN A 113 -47.73 -2.07 14.51
C ASN A 113 -47.15 -1.22 15.66
N TYR A 114 -47.69 0.00 15.82
CA TYR A 114 -47.28 0.98 16.83
C TYR A 114 -47.55 0.47 18.24
N CYS A 115 -48.58 -0.37 18.42
CA CYS A 115 -48.95 -0.96 19.70
C CYS A 115 -47.91 -1.99 20.14
N GLY A 116 -47.54 -2.89 19.24
CA GLY A 116 -46.55 -3.94 19.51
C GLY A 116 -45.17 -3.41 19.80
N THR A 117 -44.77 -2.35 19.08
CA THR A 117 -43.47 -1.69 19.18
C THR A 117 -43.34 -0.76 20.39
N HIS A 118 -44.37 0.06 20.67
CA HIS A 118 -44.29 1.07 21.72
C HIS A 118 -45.15 0.87 22.97
N GLN A 119 -46.31 0.19 22.85
CA GLN A 119 -47.28 0.00 23.96
C GLN A 119 -47.64 1.38 24.56
N PRO A 120 -48.34 2.22 23.78
CA PRO A 120 -48.62 3.58 24.25
C PRO A 120 -49.73 3.72 25.28
N CYS A 121 -50.64 2.72 25.39
CA CYS A 121 -51.74 2.76 26.35
C CYS A 121 -51.29 2.36 27.76
N LEU A 122 -51.30 3.34 28.67
CA LEU A 122 -50.91 3.18 30.07
C LEU A 122 -52.14 2.86 30.94
N ASN A 123 -51.88 2.60 32.24
CA ASN A 123 -52.87 2.33 33.31
C ASN A 123 -53.96 1.30 32.91
N GLY A 124 -53.55 0.23 32.22
CA GLY A 124 -54.41 -0.88 31.82
C GLY A 124 -55.24 -0.74 30.55
N GLY A 125 -54.90 0.22 29.69
CA GLY A 125 -55.59 0.45 28.42
C GLY A 125 -55.33 -0.59 27.35
N THR A 126 -56.23 -0.68 26.35
CA THR A 126 -56.13 -1.60 25.22
C THR A 126 -55.65 -0.84 23.98
N CYS A 127 -54.58 -1.34 23.34
CA CYS A 127 -54.08 -0.72 22.11
C CYS A 127 -54.47 -1.53 20.90
N SER A 128 -54.91 -0.84 19.85
CA SER A 128 -55.26 -1.42 18.56
C SER A 128 -54.75 -0.49 17.46
N ASN A 129 -53.95 -1.07 16.53
CA ASN A 129 -53.32 -0.35 15.41
C ASN A 129 -54.37 0.18 14.46
N THR A 130 -54.29 1.47 14.09
CA THR A 130 -55.28 2.08 13.18
C THR A 130 -54.64 2.69 11.92
N GLY A 131 -53.32 2.53 11.78
CA GLY A 131 -52.59 3.05 10.63
C GLY A 131 -51.13 3.38 10.90
N PRO A 132 -50.48 4.14 9.99
CA PRO A 132 -49.06 4.48 10.17
C PRO A 132 -48.85 5.47 11.32
N ASP A 133 -48.27 4.95 12.42
CA ASP A 133 -48.00 5.63 13.70
C ASP A 133 -49.31 6.00 14.43
N LYS A 134 -50.44 5.47 13.95
CA LYS A 134 -51.77 5.70 14.49
C LYS A 134 -52.25 4.51 15.32
N TYR A 135 -52.82 4.80 16.49
CA TYR A 135 -53.31 3.79 17.42
C TYR A 135 -54.61 4.24 18.10
N GLN A 136 -55.22 3.33 18.88
CA GLN A 136 -56.46 3.59 19.58
C GLN A 136 -56.34 3.06 20.99
N CYS A 137 -56.47 3.94 21.99
CA CYS A 137 -56.39 3.55 23.39
C CYS A 137 -57.78 3.47 24.02
N SER A 138 -58.25 2.24 24.27
CA SER A 138 -59.53 1.97 24.94
C SER A 138 -59.19 1.86 26.43
N CYS A 139 -59.64 2.86 27.22
CA CYS A 139 -59.30 3.03 28.63
C CYS A 139 -60.28 2.41 29.63
N PRO A 140 -59.77 1.90 30.80
CA PRO A 140 -60.67 1.38 31.84
C PRO A 140 -61.24 2.51 32.71
N GLU A 141 -62.15 2.19 33.65
CA GLU A 141 -62.80 3.15 34.55
C GLU A 141 -61.80 3.94 35.39
N GLY A 142 -62.00 5.26 35.40
CA GLY A 142 -61.15 6.19 36.14
C GLY A 142 -59.98 6.74 35.34
N TYR A 143 -59.89 6.36 34.05
CA TYR A 143 -58.82 6.80 33.16
C TYR A 143 -59.33 7.30 31.81
N SER A 144 -58.81 8.46 31.38
CA SER A 144 -59.16 9.13 30.12
C SER A 144 -57.86 9.59 29.41
N GLY A 145 -58.02 10.28 28.29
CA GLY A 145 -56.89 10.79 27.50
C GLY A 145 -56.48 9.88 26.36
N PRO A 146 -55.63 10.38 25.43
CA PRO A 146 -55.22 9.57 24.28
C PRO A 146 -54.37 8.33 24.59
N ASN A 147 -53.88 8.21 25.84
CA ASN A 147 -53.02 7.11 26.27
C ASN A 147 -53.42 6.52 27.64
N CYS A 148 -54.61 6.91 28.16
CA CYS A 148 -55.19 6.49 29.45
C CYS A 148 -54.30 6.93 30.63
N GLU A 149 -53.68 8.12 30.48
CA GLU A 149 -52.74 8.73 31.44
C GLU A 149 -53.41 9.74 32.38
N ILE A 150 -54.66 10.14 32.09
CA ILE A 150 -55.47 11.09 32.85
C ILE A 150 -56.82 10.47 33.16
N THR B 1 28.10 13.18 -10.79
CA THR B 1 27.93 12.91 -9.37
C THR B 1 28.55 11.57 -8.96
N CYS B 2 28.17 11.07 -7.76
CA CYS B 2 28.69 9.83 -7.20
C CYS B 2 27.95 8.59 -7.69
N ASP B 3 28.70 7.48 -7.81
CA ASP B 3 28.17 6.17 -8.17
C ASP B 3 27.37 5.64 -6.96
N ASP B 4 26.69 4.49 -7.13
CA ASP B 4 25.95 3.89 -6.02
C ASP B 4 26.89 3.52 -4.89
N TYR B 5 26.48 3.85 -3.65
CA TYR B 5 27.17 3.58 -2.38
C TYR B 5 28.43 4.46 -2.16
N TYR B 6 28.55 5.58 -2.90
CA TYR B 6 29.67 6.52 -2.75
C TYR B 6 29.18 7.94 -2.47
N TYR B 7 29.91 8.67 -1.59
CA TYR B 7 29.52 10.02 -1.12
C TYR B 7 30.74 10.91 -0.84
N GLY B 8 30.49 12.21 -0.65
CA GLY B 8 31.49 13.21 -0.27
C GLY B 8 32.43 13.79 -1.32
N PHE B 9 33.72 13.95 -0.91
CA PHE B 9 34.80 14.51 -1.73
C PHE B 9 35.98 13.54 -1.92
N GLY B 10 36.22 13.08 -3.13
CA GLY B 10 35.39 13.25 -4.31
C GLY B 10 34.81 11.89 -4.60
N CYS B 11 33.65 11.58 -3.95
CA CYS B 11 32.95 10.28 -4.00
C CYS B 11 33.81 9.20 -3.33
N ASN B 12 34.46 9.53 -2.20
CA ASN B 12 35.37 8.60 -1.53
C ASN B 12 34.77 7.87 -0.30
N LYS B 13 33.74 8.41 0.36
CA LYS B 13 33.17 7.70 1.51
C LYS B 13 32.20 6.61 1.08
N PHE B 14 32.52 5.34 1.42
CA PHE B 14 31.67 4.19 1.08
C PHE B 14 30.60 3.94 2.11
N CYS B 15 29.35 3.66 1.64
CA CYS B 15 28.20 3.33 2.47
C CYS B 15 27.14 2.53 1.73
N ARG B 16 26.94 1.29 2.15
CA ARG B 16 25.90 0.42 1.63
C ARG B 16 25.08 -0.07 2.82
N PRO B 17 23.77 0.28 2.90
CA PRO B 17 22.95 -0.13 4.05
C PRO B 17 22.82 -1.63 4.21
N ARG B 18 22.75 -2.11 5.45
CA ARG B 18 22.59 -3.54 5.73
C ARG B 18 21.69 -3.80 6.92
N ASP B 19 21.09 -5.00 6.96
CA ASP B 19 20.20 -5.43 8.04
C ASP B 19 20.58 -6.87 8.43
N ASP B 20 21.79 -7.01 8.99
CA ASP B 20 22.33 -8.31 9.38
C ASP B 20 23.13 -8.26 10.70
N PHE B 21 23.87 -9.35 10.98
CA PHE B 21 24.74 -9.55 12.14
C PHE B 21 25.74 -8.41 12.27
N PHE B 22 26.24 -7.93 11.12
CA PHE B 22 27.25 -6.90 11.02
C PHE B 22 26.71 -5.46 11.11
N GLY B 23 25.40 -5.31 11.12
CA GLY B 23 24.80 -3.99 11.22
C GLY B 23 23.39 -3.89 10.72
N HIS B 24 22.63 -2.98 11.34
CA HIS B 24 21.22 -2.68 11.06
C HIS B 24 21.17 -1.16 10.84
N TYR B 25 21.48 -0.72 9.60
CA TYR B 25 21.55 0.70 9.28
C TYR B 25 21.17 1.07 7.84
N ALA B 26 20.95 2.38 7.61
CA ALA B 26 20.71 3.03 6.33
C ALA B 26 21.91 3.96 6.09
N CYS B 27 21.92 4.73 4.99
CA CYS B 27 23.05 5.63 4.73
C CYS B 27 22.62 7.09 4.56
N ASP B 28 23.48 8.00 5.07
CA ASP B 28 23.37 9.46 5.03
C ASP B 28 23.54 9.99 3.62
N GLN B 29 23.35 11.32 3.46
CA GLN B 29 23.61 12.04 2.22
C GLN B 29 25.14 12.28 2.17
N ASN B 30 25.81 12.12 3.34
CA ASN B 30 27.24 12.28 3.58
C ASN B 30 27.98 10.93 3.64
N GLY B 31 27.23 9.83 3.63
CA GLY B 31 27.78 8.48 3.68
C GLY B 31 28.04 7.90 5.06
N ASN B 32 27.49 8.53 6.11
CA ASN B 32 27.62 8.07 7.48
C ASN B 32 26.45 7.15 7.80
N LYS B 33 26.74 6.01 8.44
CA LYS B 33 25.75 4.99 8.81
C LYS B 33 24.73 5.55 9.81
N THR B 34 23.43 5.49 9.46
CA THR B 34 22.35 5.91 10.35
C THR B 34 21.69 4.66 10.90
N CYS B 35 21.93 4.39 12.20
CA CYS B 35 21.41 3.21 12.90
C CYS B 35 19.90 3.17 12.86
N MET B 36 19.34 1.95 12.72
CA MET B 36 17.90 1.72 12.76
C MET B 36 17.47 1.89 14.22
N GLU B 37 16.17 2.20 14.46
CA GLU B 37 15.63 2.42 15.81
C GLU B 37 15.92 1.26 16.75
N GLY B 38 16.70 1.54 17.78
CA GLY B 38 17.12 0.58 18.79
C GLY B 38 18.49 -0.02 18.60
N TRP B 39 19.25 0.49 17.60
CA TRP B 39 20.59 -0.01 17.31
C TRP B 39 21.67 1.02 17.58
N MET B 40 22.83 0.55 18.06
CA MET B 40 23.99 1.35 18.40
C MET B 40 25.32 0.72 17.99
N GLY B 41 26.41 1.45 18.26
CA GLY B 41 27.77 1.09 17.88
C GLY B 41 28.06 1.80 16.57
N PRO B 42 29.34 2.03 16.19
CA PRO B 42 29.62 2.73 14.92
C PRO B 42 29.11 2.01 13.66
N GLU B 43 28.85 0.70 13.77
CA GLU B 43 28.37 -0.15 12.67
C GLU B 43 26.92 -0.59 12.83
N CYS B 44 26.27 -0.15 13.92
CA CYS B 44 24.86 -0.42 14.27
C CYS B 44 24.55 -1.93 14.38
N ASN B 45 25.48 -2.67 15.01
CA ASN B 45 25.40 -4.12 15.21
C ASN B 45 25.05 -4.48 16.67
N ARG B 46 25.28 -3.54 17.60
CA ARG B 46 24.99 -3.70 19.02
C ARG B 46 23.60 -3.13 19.33
N ALA B 47 22.79 -3.87 20.08
CA ALA B 47 21.43 -3.45 20.43
C ALA B 47 21.39 -2.54 21.65
N ILE B 48 20.49 -1.55 21.63
CA ILE B 48 20.28 -0.64 22.76
C ILE B 48 19.36 -1.38 23.72
N CYS B 49 19.86 -1.68 24.91
CA CYS B 49 19.13 -2.42 25.94
C CYS B 49 18.11 -1.55 26.67
N ARG B 50 17.28 -2.17 27.53
CA ARG B 50 16.24 -1.50 28.31
C ARG B 50 16.82 -0.28 29.06
N GLN B 51 16.12 0.87 29.02
CA GLN B 51 16.53 2.10 29.68
C GLN B 51 16.63 1.88 31.21
N GLY B 52 17.84 1.53 31.66
CA GLY B 52 18.14 1.26 33.06
C GLY B 52 18.89 -0.03 33.32
N CYS B 53 18.98 -0.92 32.29
CA CYS B 53 19.66 -2.22 32.29
C CYS B 53 21.09 -2.11 32.82
N SER B 54 21.49 -3.03 33.71
CA SER B 54 22.83 -3.06 34.29
C SER B 54 23.84 -3.43 33.22
N PRO B 55 24.89 -2.63 32.97
CA PRO B 55 25.85 -2.98 31.90
C PRO B 55 26.71 -4.20 32.22
N LYS B 56 26.86 -4.51 33.54
CA LYS B 56 27.66 -5.61 34.07
C LYS B 56 26.96 -6.96 33.99
N HIS B 57 25.75 -7.05 34.57
CA HIS B 57 24.98 -8.29 34.69
C HIS B 57 23.77 -8.36 33.75
N GLY B 58 23.60 -7.35 32.90
CA GLY B 58 22.55 -7.27 31.91
C GLY B 58 23.08 -7.01 30.51
N SER B 59 22.56 -7.75 29.54
CA SER B 59 22.96 -7.64 28.13
C SER B 59 21.77 -7.88 27.20
N CYS B 60 21.90 -7.49 25.92
CA CYS B 60 20.85 -7.69 24.91
C CYS B 60 21.39 -7.84 23.50
N LYS B 61 20.69 -8.64 22.70
CA LYS B 61 20.98 -8.89 21.29
C LYS B 61 19.80 -8.38 20.44
N LEU B 62 18.73 -7.94 21.13
CA LEU B 62 17.51 -7.40 20.55
C LEU B 62 17.07 -6.14 21.33
N PRO B 63 16.71 -5.03 20.66
CA PRO B 63 16.24 -3.85 21.42
C PRO B 63 14.75 -3.94 21.77
N GLY B 64 14.34 -3.47 22.95
CA GLY B 64 15.15 -2.93 24.04
C GLY B 64 15.02 -3.85 25.24
N ASP B 65 15.52 -5.07 25.09
CA ASP B 65 15.49 -6.14 26.08
C ASP B 65 16.63 -5.96 27.11
N CYS B 66 16.65 -6.80 28.16
CA CYS B 66 17.66 -6.82 29.21
C CYS B 66 17.73 -8.24 29.80
N ARG B 67 18.55 -9.12 29.16
CA ARG B 67 18.77 -10.51 29.57
C ARG B 67 19.78 -10.52 30.70
N CYS B 68 19.46 -11.26 31.77
CA CYS B 68 20.30 -11.35 32.97
C CYS B 68 21.42 -12.38 32.88
N GLN B 69 22.51 -12.11 33.63
CA GLN B 69 23.65 -12.99 33.84
C GLN B 69 23.15 -14.07 34.81
N TYR B 70 23.75 -15.28 34.83
CA TYR B 70 23.30 -16.32 35.75
C TYR B 70 23.49 -15.91 37.22
N GLY B 71 22.38 -15.89 37.94
CA GLY B 71 22.32 -15.49 39.34
C GLY B 71 21.82 -14.07 39.55
N TRP B 72 21.33 -13.43 38.46
CA TRP B 72 20.80 -12.07 38.50
C TRP B 72 19.35 -12.00 38.02
N GLN B 73 18.57 -11.08 38.61
CA GLN B 73 17.15 -10.91 38.34
C GLN B 73 16.75 -9.43 38.26
N GLY B 74 15.49 -9.18 37.89
CA GLY B 74 14.92 -7.86 37.79
C GLY B 74 14.88 -7.30 36.39
N LEU B 75 13.92 -6.37 36.16
CA LEU B 75 13.66 -5.67 34.90
C LEU B 75 14.92 -5.01 34.33
N TYR B 76 15.88 -4.66 35.20
CA TYR B 76 17.14 -4.04 34.82
C TYR B 76 18.36 -4.91 35.14
N CYS B 77 18.14 -6.20 35.53
CA CYS B 77 19.18 -7.19 35.89
C CYS B 77 20.22 -6.63 36.89
N ASP B 78 19.73 -5.88 37.88
CA ASP B 78 20.56 -5.23 38.89
C ASP B 78 20.42 -5.83 40.30
N LYS B 79 19.45 -6.75 40.50
CA LYS B 79 19.20 -7.41 41.78
C LYS B 79 19.75 -8.83 41.79
N CYS B 80 20.60 -9.14 42.79
CA CYS B 80 21.22 -10.47 42.94
C CYS B 80 20.22 -11.49 43.45
N ILE B 81 20.36 -12.75 42.99
CA ILE B 81 19.53 -13.85 43.43
C ILE B 81 20.24 -14.48 44.64
N PRO B 82 19.62 -14.52 45.84
CA PRO B 82 20.29 -15.15 46.99
C PRO B 82 20.28 -16.67 46.87
N HIS B 83 20.99 -17.36 47.78
CA HIS B 83 21.07 -18.82 47.82
C HIS B 83 19.67 -19.41 48.05
N PRO B 84 19.19 -20.42 47.29
CA PRO B 84 17.85 -20.96 47.55
C PRO B 84 17.84 -22.07 48.63
N GLY B 85 17.04 -21.95 49.69
CA GLY B 85 16.14 -20.84 49.99
C GLY B 85 16.60 -20.04 51.20
N CYS B 86 17.14 -18.85 50.93
CA CYS B 86 17.66 -17.87 51.90
C CYS B 86 16.45 -17.29 52.64
N VAL B 87 16.37 -17.55 53.95
CA VAL B 87 15.23 -17.09 54.74
C VAL B 87 15.45 -15.62 55.16
N HIS B 88 16.14 -15.37 56.29
CA HIS B 88 16.38 -14.01 56.75
C HIS B 88 17.77 -13.52 56.37
N GLY B 89 18.01 -13.52 55.07
CA GLY B 89 19.26 -13.09 54.48
C GLY B 89 19.10 -12.29 53.21
N ILE B 90 20.18 -11.60 52.80
CA ILE B 90 20.28 -10.77 51.61
C ILE B 90 21.60 -11.03 50.87
N CYS B 91 21.84 -10.30 49.76
CA CYS B 91 23.07 -10.36 49.01
C CYS B 91 23.48 -9.02 48.52
N ASN B 92 24.76 -8.98 48.23
CA ASN B 92 25.44 -8.04 47.41
C ASN B 92 25.91 -8.79 46.13
N GLU B 93 25.97 -10.15 46.10
CA GLU B 93 26.42 -10.89 44.88
C GLU B 93 25.72 -12.22 44.64
N PRO B 94 25.67 -12.76 43.42
CA PRO B 94 24.84 -13.96 43.22
C PRO B 94 25.24 -15.14 44.06
N TRP B 95 24.26 -15.84 44.67
CA TRP B 95 24.46 -17.01 45.53
C TRP B 95 25.17 -16.63 46.84
N GLN B 96 24.56 -15.70 47.59
CA GLN B 96 25.04 -15.15 48.86
C GLN B 96 23.83 -14.97 49.78
N CYS B 97 23.96 -15.36 51.06
CA CYS B 97 22.88 -15.32 52.04
C CYS B 97 23.37 -14.70 53.36
N LEU B 98 23.45 -13.35 53.38
CA LEU B 98 23.91 -12.51 54.50
C LEU B 98 22.76 -12.28 55.49
N CYS B 99 22.87 -12.94 56.65
CA CYS B 99 21.90 -13.00 57.74
C CYS B 99 21.58 -11.69 58.43
N GLU B 100 20.33 -11.60 58.93
CA GLU B 100 19.80 -10.52 59.74
C GLU B 100 20.30 -10.80 61.16
N THR B 101 20.48 -9.74 61.96
CA THR B 101 21.01 -9.73 63.34
C THR B 101 20.80 -11.05 64.12
N ASN B 102 19.55 -11.52 64.29
CA ASN B 102 19.21 -12.70 65.08
C ASN B 102 19.17 -14.04 64.31
N TRP B 103 19.84 -14.15 63.14
CA TRP B 103 19.80 -15.38 62.33
C TRP B 103 21.17 -15.87 61.80
N GLY B 104 21.21 -17.16 61.45
CA GLY B 104 22.36 -17.87 60.91
C GLY B 104 21.93 -19.16 60.23
N GLY B 105 22.76 -19.79 59.40
CA GLY B 105 24.11 -19.37 59.01
C GLY B 105 24.22 -19.33 57.51
N GLN B 106 24.11 -20.51 56.86
CA GLN B 106 24.18 -20.63 55.40
C GLN B 106 22.90 -20.13 54.75
N LEU B 107 21.74 -20.48 55.33
CA LEU B 107 20.43 -20.10 54.80
C LEU B 107 19.66 -19.11 55.68
N CYS B 108 20.26 -18.67 56.82
CA CYS B 108 19.67 -17.73 57.79
C CYS B 108 18.29 -18.20 58.24
N ASP B 109 18.22 -19.49 58.57
CA ASP B 109 17.02 -20.22 58.98
C ASP B 109 17.14 -20.78 60.40
N LYS B 110 18.27 -20.49 61.07
CA LYS B 110 18.57 -20.93 62.43
C LYS B 110 18.66 -19.71 63.34
N ASP B 111 17.85 -19.72 64.41
CA ASP B 111 17.72 -18.64 65.39
C ASP B 111 18.95 -18.42 66.27
N LEU B 112 19.41 -17.15 66.36
CA LEU B 112 20.51 -16.77 67.24
C LEU B 112 19.97 -16.42 68.63
N ASN B 113 18.63 -16.47 68.78
CA ASN B 113 17.88 -16.26 70.02
C ASN B 113 16.81 -17.35 70.14
N TYR B 114 17.26 -18.64 70.15
CA TYR B 114 16.39 -19.81 70.26
C TYR B 114 15.69 -19.87 71.62
N CYS B 115 16.34 -19.32 72.67
CA CYS B 115 15.80 -19.29 74.04
C CYS B 115 14.63 -18.32 74.16
N GLY B 116 14.74 -17.17 73.51
CA GLY B 116 13.68 -16.16 73.51
C GLY B 116 12.50 -16.55 72.66
N THR B 117 12.78 -17.24 71.53
CA THR B 117 11.78 -17.70 70.57
C THR B 117 11.05 -18.97 70.99
N HIS B 118 11.77 -19.96 71.58
CA HIS B 118 11.19 -21.26 71.88
C HIS B 118 11.10 -21.67 73.35
N GLN B 119 11.93 -21.08 74.25
CA GLN B 119 11.98 -21.39 75.69
C GLN B 119 12.05 -22.93 75.89
N PRO B 120 13.18 -23.58 75.49
CA PRO B 120 13.22 -25.05 75.53
C PRO B 120 13.55 -25.69 76.87
N CYS B 121 14.11 -24.93 77.84
CA CYS B 121 14.44 -25.49 79.14
C CYS B 121 13.21 -25.68 80.03
N LEU B 122 12.81 -26.94 80.19
CA LEU B 122 11.66 -27.33 81.01
C LEU B 122 12.08 -27.44 82.48
N ASN B 123 11.09 -27.63 83.36
CA ASN B 123 11.21 -27.86 84.81
C ASN B 123 12.16 -26.87 85.55
N GLY B 124 12.09 -25.59 85.17
CA GLY B 124 12.82 -24.51 85.83
C GLY B 124 14.24 -24.18 85.41
N GLY B 125 14.75 -24.84 84.38
CA GLY B 125 16.10 -24.62 83.86
C GLY B 125 16.29 -23.28 83.17
N THR B 126 17.54 -22.75 83.19
CA THR B 126 17.90 -21.48 82.55
C THR B 126 18.46 -21.73 81.14
N CYS B 127 17.97 -20.95 80.17
CA CYS B 127 18.41 -21.03 78.79
C CYS B 127 19.42 -19.96 78.45
N SER B 128 20.44 -20.36 77.67
CA SER B 128 21.51 -19.51 77.18
C SER B 128 21.72 -19.79 75.70
N ASN B 129 21.60 -18.75 74.87
CA ASN B 129 21.79 -18.83 73.42
C ASN B 129 23.28 -19.01 73.15
N THR B 130 23.65 -20.08 72.43
CA THR B 130 25.05 -20.43 72.14
C THR B 130 25.41 -20.40 70.65
N GLY B 131 24.41 -20.19 69.79
CA GLY B 131 24.61 -20.13 68.36
C GLY B 131 23.36 -20.25 67.52
N PRO B 132 23.52 -20.57 66.21
CA PRO B 132 22.34 -20.71 65.33
C PRO B 132 21.60 -22.02 65.61
N ASP B 133 20.41 -21.91 66.24
CA ASP B 133 19.55 -23.00 66.69
C ASP B 133 20.23 -23.86 67.77
N LYS B 134 21.29 -23.29 68.39
CA LYS B 134 22.11 -23.86 69.47
C LYS B 134 21.78 -23.12 70.76
N TYR B 135 21.51 -23.88 71.83
CA TYR B 135 21.18 -23.32 73.14
C TYR B 135 21.81 -24.18 74.25
N GLN B 136 21.72 -23.72 75.49
CA GLN B 136 22.30 -24.41 76.64
C GLN B 136 21.31 -24.35 77.81
N CYS B 137 20.98 -25.51 78.39
CA CYS B 137 20.09 -25.61 79.53
C CYS B 137 20.90 -25.91 80.78
N SER B 138 20.83 -25.03 81.78
CA SER B 138 21.48 -25.18 83.08
C SER B 138 20.35 -25.58 84.00
N CYS B 139 20.33 -26.87 84.38
CA CYS B 139 19.26 -27.52 85.11
C CYS B 139 19.30 -27.33 86.63
N PRO B 140 18.11 -27.15 87.28
CA PRO B 140 18.07 -27.05 88.74
C PRO B 140 18.12 -28.44 89.38
N GLU B 141 18.19 -28.50 90.74
CA GLU B 141 18.27 -29.74 91.51
C GLU B 141 17.17 -30.77 91.17
N GLY B 142 17.59 -32.01 90.92
CA GLY B 142 16.70 -33.12 90.61
C GLY B 142 16.37 -33.33 89.14
N TYR B 143 16.78 -32.38 88.27
CA TYR B 143 16.51 -32.44 86.82
C TYR B 143 17.78 -32.48 85.98
N SER B 144 17.72 -33.21 84.86
CA SER B 144 18.82 -33.38 83.90
C SER B 144 18.28 -33.58 82.47
N GLY B 145 19.19 -33.71 81.51
CA GLY B 145 18.86 -33.90 80.11
C GLY B 145 19.13 -32.64 79.29
N PRO B 146 19.10 -32.72 77.93
CA PRO B 146 19.36 -31.51 77.12
C PRO B 146 18.38 -30.35 77.33
N ASN B 147 17.22 -30.61 77.96
CA ASN B 147 16.18 -29.62 78.21
C ASN B 147 15.66 -29.61 79.64
N CYS B 148 16.35 -30.34 80.56
CA CYS B 148 15.99 -30.52 81.98
C CYS B 148 14.67 -31.30 82.14
N GLU B 149 14.30 -32.08 81.10
CA GLU B 149 13.08 -32.88 81.01
C GLU B 149 13.08 -34.12 81.93
N ILE B 150 14.27 -34.57 82.37
CA ILE B 150 14.46 -35.74 83.24
C ILE B 150 14.73 -35.26 84.68
N GLU C 1 0.69 -2.10 19.81
CA GLU C 1 0.82 -3.26 18.94
C GLU C 1 1.35 -2.85 17.57
N VAL C 2 2.44 -3.51 17.14
CA VAL C 2 3.05 -3.30 15.83
C VAL C 2 2.39 -4.32 14.89
N GLN C 3 1.79 -3.84 13.79
CA GLN C 3 1.11 -4.69 12.82
C GLN C 3 1.48 -4.38 11.39
N LEU C 4 1.61 -5.44 10.57
CA LEU C 4 1.90 -5.41 9.14
C LEU C 4 0.80 -6.16 8.41
N VAL C 5 0.17 -5.51 7.42
CA VAL C 5 -0.92 -6.11 6.65
C VAL C 5 -0.63 -5.99 5.16
N GLU C 6 -0.50 -7.13 4.47
CA GLU C 6 -0.23 -7.20 3.03
C GLU C 6 -1.53 -7.29 2.24
N SER C 7 -1.54 -6.69 1.04
CA SER C 7 -2.68 -6.67 0.12
C SER C 7 -2.23 -6.66 -1.35
N GLY C 8 -3.19 -6.84 -2.26
CA GLY C 8 -2.94 -6.83 -3.70
C GLY C 8 -2.86 -8.20 -4.34
N GLY C 9 -2.74 -9.25 -3.51
CA GLY C 9 -2.65 -10.65 -3.93
C GLY C 9 -3.83 -11.15 -4.73
N GLY C 10 -3.54 -11.92 -5.78
CA GLY C 10 -4.54 -12.50 -6.67
C GLY C 10 -3.96 -13.17 -7.90
N LEU C 11 -4.83 -13.53 -8.85
CA LEU C 11 -4.47 -14.19 -10.09
C LEU C 11 -3.80 -13.22 -11.09
N VAL C 12 -2.78 -13.72 -11.81
CA VAL C 12 -2.02 -12.99 -12.82
C VAL C 12 -1.51 -13.96 -13.92
N GLN C 13 -1.63 -13.56 -15.20
CA GLN C 13 -1.24 -14.36 -16.38
C GLN C 13 0.29 -14.47 -16.52
N PRO C 14 0.85 -15.60 -17.04
CA PRO C 14 2.32 -15.69 -17.21
C PRO C 14 2.88 -14.59 -18.10
N GLY C 15 3.90 -13.91 -17.58
CA GLY C 15 4.57 -12.78 -18.22
C GLY C 15 3.97 -11.46 -17.79
N GLY C 16 2.92 -11.54 -16.96
CA GLY C 16 2.18 -10.39 -16.44
C GLY C 16 2.86 -9.59 -15.36
N SER C 17 2.14 -8.56 -14.86
CA SER C 17 2.62 -7.65 -13.83
C SER C 17 1.58 -7.42 -12.71
N LEU C 18 2.04 -7.56 -11.44
CA LEU C 18 1.22 -7.36 -10.25
C LEU C 18 1.99 -6.56 -9.19
N ARG C 19 1.31 -5.64 -8.49
CA ARG C 19 1.93 -4.82 -7.45
C ARG C 19 1.26 -5.00 -6.08
N LEU C 20 2.04 -5.55 -5.13
CA LEU C 20 1.61 -5.81 -3.75
C LEU C 20 1.91 -4.63 -2.84
N SER C 21 1.12 -4.47 -1.78
CA SER C 21 1.28 -3.39 -0.79
C SER C 21 1.37 -3.93 0.65
N CYS C 22 2.34 -3.44 1.42
CA CYS C 22 2.56 -3.78 2.83
C CYS C 22 2.23 -2.54 3.67
N ALA C 23 1.11 -2.58 4.42
CA ALA C 23 0.65 -1.47 5.25
C ALA C 23 1.12 -1.62 6.71
N ALA C 24 2.08 -0.79 7.10
CA ALA C 24 2.70 -0.80 8.43
C ALA C 24 1.97 0.08 9.45
N SER C 25 1.96 -0.36 10.73
CA SER C 25 1.33 0.32 11.87
C SER C 25 2.03 -0.01 13.21
N GLY C 26 1.85 0.84 14.21
CA GLY C 26 2.37 0.67 15.56
C GLY C 26 3.78 1.14 15.87
N PHE C 27 4.48 1.70 14.87
CA PHE C 27 5.86 2.18 15.02
C PHE C 27 6.10 3.43 14.14
N THR C 28 7.37 3.72 13.82
CA THR C 28 7.70 4.86 12.97
C THR C 28 8.44 4.41 11.72
N PHE C 29 7.82 4.61 10.54
CA PHE C 29 8.43 4.35 9.24
C PHE C 29 9.54 5.42 9.12
N SER C 30 10.69 5.03 8.51
CA SER C 30 11.96 5.75 8.29
C SER C 30 13.02 5.27 9.28
N ASN C 31 12.59 4.56 10.34
CA ASN C 31 13.49 4.12 11.39
C ASN C 31 13.83 2.64 11.32
N TYR C 32 13.25 1.89 10.37
CA TYR C 32 13.55 0.46 10.24
C TYR C 32 13.79 0.04 8.81
N GLY C 33 12.71 -0.19 8.08
CA GLY C 33 12.72 -0.69 6.71
C GLY C 33 11.78 -1.87 6.57
N ILE C 34 11.57 -2.33 5.34
CA ILE C 34 10.67 -3.44 5.06
C ILE C 34 11.34 -4.47 4.16
N HIS C 35 11.21 -5.75 4.54
CA HIS C 35 11.69 -6.91 3.81
C HIS C 35 10.49 -7.60 3.16
N TRP C 36 10.75 -8.37 2.10
CA TRP C 36 9.74 -9.15 1.42
C TRP C 36 10.22 -10.59 1.37
N VAL C 37 9.41 -11.54 1.88
CA VAL C 37 9.74 -12.97 1.92
C VAL C 37 8.57 -13.74 1.31
N ARG C 38 8.85 -14.64 0.37
CA ARG C 38 7.82 -15.46 -0.27
C ARG C 38 7.94 -16.94 0.10
N GLN C 39 6.83 -17.69 -0.02
CA GLN C 39 6.80 -19.11 0.27
C GLN C 39 5.92 -19.83 -0.74
N ALA C 40 6.55 -20.62 -1.63
CA ALA C 40 5.85 -21.40 -2.66
C ALA C 40 4.99 -22.45 -1.96
N PRO C 41 3.75 -22.71 -2.44
CA PRO C 41 2.88 -23.69 -1.75
C PRO C 41 3.52 -25.07 -1.56
N GLY C 42 3.77 -25.40 -0.29
CA GLY C 42 4.40 -26.65 0.14
C GLY C 42 5.91 -26.61 0.20
N LYS C 43 6.51 -25.42 0.00
CA LYS C 43 7.96 -25.19 0.02
C LYS C 43 8.41 -24.27 1.17
N GLY C 44 9.72 -24.01 1.24
CA GLY C 44 10.32 -23.17 2.26
C GLY C 44 10.25 -21.68 1.99
N LEU C 45 10.81 -20.89 2.92
CA LEU C 45 10.83 -19.42 2.85
C LEU C 45 12.01 -18.88 2.03
N GLU C 46 11.70 -17.99 1.08
CA GLU C 46 12.68 -17.38 0.19
C GLU C 46 12.59 -15.87 0.28
N TRP C 47 13.73 -15.22 0.61
CA TRP C 47 13.85 -13.77 0.72
C TRP C 47 13.80 -13.15 -0.67
N VAL C 48 12.89 -12.19 -0.88
CA VAL C 48 12.65 -11.50 -2.16
C VAL C 48 13.59 -10.30 -2.28
N GLY C 49 13.53 -9.43 -1.29
CA GLY C 49 14.34 -8.22 -1.21
C GLY C 49 13.98 -7.38 0.00
N TRP C 50 14.51 -6.15 0.06
CA TRP C 50 14.24 -5.21 1.15
C TRP C 50 14.40 -3.73 0.75
N ILE C 51 13.98 -2.81 1.63
CA ILE C 51 14.05 -1.36 1.39
C ILE C 51 14.26 -0.56 2.69
N THR C 52 15.10 0.49 2.60
CA THR C 52 15.34 1.49 3.65
C THR C 52 14.59 2.71 3.12
N PRO C 53 13.41 3.08 3.70
CA PRO C 53 12.65 4.22 3.14
C PRO C 53 13.46 5.52 2.96
N ASP C 54 14.32 5.84 3.95
CA ASP C 54 15.22 7.00 3.90
C ASP C 54 16.49 6.63 3.12
N GLY C 55 16.60 7.18 1.92
CA GLY C 55 17.71 6.91 1.01
C GLY C 55 17.30 6.07 -0.18
N GLY C 56 16.14 5.42 -0.07
CA GLY C 56 15.54 4.57 -1.10
C GLY C 56 16.36 3.40 -1.58
N TYR C 57 17.29 2.89 -0.75
CA TYR C 57 18.14 1.75 -1.10
C TYR C 57 17.30 0.47 -1.24
N THR C 58 17.71 -0.42 -2.15
CA THR C 58 17.06 -1.70 -2.45
C THR C 58 18.07 -2.79 -2.75
N ASP C 59 17.74 -4.04 -2.39
CA ASP C 59 18.50 -5.26 -2.67
C ASP C 59 17.49 -6.34 -3.03
N TYR C 60 17.89 -7.31 -3.89
CA TYR C 60 16.98 -8.37 -4.36
C TYR C 60 17.70 -9.71 -4.50
N ALA C 61 16.91 -10.80 -4.55
CA ALA C 61 17.41 -12.16 -4.77
C ALA C 61 17.74 -12.30 -6.25
N ASP C 62 18.66 -13.23 -6.61
CA ASP C 62 19.07 -13.48 -7.99
C ASP C 62 17.94 -13.99 -8.89
N SER C 63 17.00 -14.79 -8.32
CA SER C 63 15.83 -15.34 -9.02
C SER C 63 14.80 -14.27 -9.40
N VAL C 64 14.74 -13.16 -8.64
CA VAL C 64 13.83 -12.04 -8.87
C VAL C 64 14.57 -10.80 -9.39
N LYS C 65 15.90 -10.94 -9.64
CA LYS C 65 16.78 -9.90 -10.14
C LYS C 65 16.50 -9.61 -11.61
N GLY C 66 16.24 -8.33 -11.90
CA GLY C 66 15.95 -7.85 -13.24
C GLY C 66 14.48 -7.86 -13.61
N ARG C 67 13.60 -8.19 -12.64
CA ARG C 67 12.14 -8.28 -12.84
C ARG C 67 11.34 -7.56 -11.75
N PHE C 68 11.70 -7.78 -10.47
CA PHE C 68 10.98 -7.22 -9.33
C PHE C 68 11.56 -5.89 -8.85
N THR C 69 10.68 -4.95 -8.48
CA THR C 69 11.04 -3.62 -8.00
C THR C 69 10.32 -3.29 -6.68
N ILE C 70 11.09 -3.14 -5.60
CA ILE C 70 10.57 -2.80 -4.28
C ILE C 70 10.63 -1.28 -4.11
N SER C 71 9.46 -0.68 -3.85
CA SER C 71 9.31 0.77 -3.67
C SER C 71 8.74 1.02 -2.27
N ALA C 72 8.79 2.27 -1.78
CA ALA C 72 8.26 2.62 -0.47
C ALA C 72 7.84 4.08 -0.40
N ASP C 73 6.57 4.32 -0.02
CA ASP C 73 6.03 5.66 0.17
C ASP C 73 5.93 5.87 1.67
N THR C 74 6.91 6.62 2.22
CA THR C 74 7.07 6.92 3.64
C THR C 74 5.88 7.68 4.22
N SER C 75 5.31 8.65 3.46
CA SER C 75 4.16 9.45 3.89
C SER C 75 2.94 8.55 4.17
N LYS C 76 2.77 7.50 3.34
CA LYS C 76 1.70 6.51 3.43
C LYS C 76 2.04 5.36 4.41
N ASN C 77 3.33 5.28 4.86
CA ASN C 77 3.87 4.23 5.74
C ASN C 77 3.64 2.83 5.09
N THR C 78 3.64 2.80 3.75
CA THR C 78 3.37 1.63 2.93
C THR C 78 4.52 1.32 1.97
N ALA C 79 4.91 0.03 1.94
CA ALA C 79 5.94 -0.50 1.05
C ALA C 79 5.25 -1.23 -0.11
N TYR C 80 5.94 -1.34 -1.25
CA TYR C 80 5.39 -1.94 -2.46
C TYR C 80 6.32 -2.97 -3.09
N LEU C 81 5.74 -3.97 -3.78
CA LEU C 81 6.48 -5.00 -4.50
C LEU C 81 5.92 -5.12 -5.92
N GLN C 82 6.55 -4.39 -6.86
CA GLN C 82 6.16 -4.41 -8.27
C GLN C 82 6.83 -5.61 -8.92
N MET C 83 6.02 -6.59 -9.32
CA MET C 83 6.51 -7.80 -9.96
C MET C 83 6.21 -7.73 -11.46
N ASN C 84 7.20 -8.01 -12.31
CA ASN C 84 7.08 -7.97 -13.77
C ASN C 84 7.64 -9.26 -14.36
N SER C 85 7.25 -9.62 -15.61
CA SER C 85 7.66 -10.83 -16.32
C SER C 85 7.49 -12.08 -15.42
N LEU C 86 6.34 -12.11 -14.70
CA LEU C 86 5.93 -13.15 -13.74
C LEU C 86 5.90 -14.54 -14.34
N ARG C 87 6.37 -15.53 -13.56
CA ARG C 87 6.47 -16.92 -13.99
C ARG C 87 5.71 -17.84 -13.03
N ALA C 88 5.47 -19.11 -13.46
CA ALA C 88 4.79 -20.15 -12.67
C ALA C 88 5.47 -20.40 -11.32
N GLU C 89 6.77 -20.10 -11.23
CA GLU C 89 7.61 -20.23 -10.02
C GLU C 89 7.44 -19.06 -9.04
N ASP C 90 6.88 -17.92 -9.51
CA ASP C 90 6.63 -16.74 -8.68
C ASP C 90 5.37 -16.90 -7.83
N THR C 91 4.60 -17.97 -8.07
CA THR C 91 3.38 -18.37 -7.35
C THR C 91 3.78 -18.72 -5.91
N ALA C 92 3.47 -17.81 -4.97
CA ALA C 92 3.84 -17.94 -3.56
C ALA C 92 3.02 -17.01 -2.64
N VAL C 93 3.07 -17.28 -1.32
CA VAL C 93 2.44 -16.42 -0.31
C VAL C 93 3.49 -15.39 0.07
N TYR C 94 3.26 -14.13 -0.30
CA TYR C 94 4.16 -13.00 -0.04
C TYR C 94 3.92 -12.36 1.32
N TYR C 95 4.98 -12.37 2.15
CA TYR C 95 4.99 -11.81 3.50
C TYR C 95 5.90 -10.60 3.54
N CYS C 96 5.53 -9.59 4.33
CA CYS C 96 6.38 -8.43 4.56
C CYS C 96 6.79 -8.38 6.02
N ALA C 97 8.07 -8.14 6.27
CA ALA C 97 8.62 -8.10 7.62
C ALA C 97 9.38 -6.80 7.88
N ARG C 98 9.32 -6.31 9.12
CA ARG C 98 10.02 -5.10 9.56
C ARG C 98 11.52 -5.39 9.69
N ALA C 99 12.35 -4.48 9.17
CA ALA C 99 13.81 -4.57 9.28
C ALA C 99 14.27 -4.16 10.69
N GLY C 100 15.49 -4.56 11.06
CA GLY C 100 16.10 -4.26 12.36
C GLY C 100 15.45 -4.88 13.57
N THR C 101 14.58 -5.88 13.36
CA THR C 101 13.86 -6.54 14.45
C THR C 101 14.18 -8.04 14.51
N LEU C 102 15.20 -8.48 13.73
CA LEU C 102 15.63 -9.89 13.64
C LEU C 102 14.46 -10.81 13.21
N PHE C 103 13.60 -10.28 12.31
CA PHE C 103 12.40 -10.90 11.73
C PHE C 103 11.40 -11.40 12.81
N ALA C 104 11.09 -10.53 13.78
CA ALA C 104 10.13 -10.82 14.85
C ALA C 104 8.71 -10.46 14.41
N TYR C 105 8.56 -9.39 13.61
CA TYR C 105 7.25 -8.96 13.11
C TYR C 105 7.06 -9.29 11.64
N TRP C 106 6.02 -10.07 11.36
CA TRP C 106 5.63 -10.52 10.02
C TRP C 106 4.15 -10.17 9.83
N GLY C 107 3.73 -10.08 8.58
CA GLY C 107 2.33 -9.88 8.22
C GLY C 107 1.66 -11.23 7.97
N GLN C 108 0.33 -11.25 7.87
CA GLN C 108 -0.45 -12.48 7.66
C GLN C 108 -0.15 -13.23 6.33
N GLY C 109 0.39 -12.51 5.34
CA GLY C 109 0.72 -13.07 4.04
C GLY C 109 -0.40 -12.92 3.02
N THR C 110 -0.01 -12.65 1.76
CA THR C 110 -0.94 -12.48 0.64
C THR C 110 -0.55 -13.45 -0.50
N LEU C 111 -1.50 -14.29 -0.97
CA LEU C 111 -1.23 -15.26 -2.01
C LEU C 111 -1.33 -14.67 -3.42
N VAL C 112 -0.28 -14.95 -4.22
CA VAL C 112 -0.13 -14.54 -5.61
C VAL C 112 -0.04 -15.83 -6.43
N THR C 113 -0.95 -16.01 -7.38
CA THR C 113 -0.99 -17.19 -8.23
C THR C 113 -0.79 -16.81 -9.69
N VAL C 114 0.31 -17.30 -10.30
CA VAL C 114 0.63 -17.04 -11.70
C VAL C 114 0.10 -18.22 -12.52
N SER C 115 -0.98 -17.98 -13.30
CA SER C 115 -1.64 -18.99 -14.12
C SER C 115 -2.35 -18.41 -15.34
N SER C 116 -2.36 -19.17 -16.45
CA SER C 116 -3.02 -18.82 -17.71
C SER C 116 -4.54 -18.92 -17.55
N ALA C 117 -5.00 -19.83 -16.65
CA ALA C 117 -6.39 -20.11 -16.30
C ALA C 117 -7.18 -18.88 -15.83
N SER C 118 -8.52 -18.95 -15.97
CA SER C 118 -9.44 -17.87 -15.60
C SER C 118 -9.93 -17.95 -14.15
N THR C 119 -10.41 -16.82 -13.60
CA THR C 119 -10.96 -16.74 -12.25
C THR C 119 -12.36 -17.35 -12.24
N LYS C 120 -12.56 -18.37 -11.39
CA LYS C 120 -13.83 -19.10 -11.26
C LYS C 120 -14.43 -18.91 -9.87
N GLY C 121 -15.71 -18.53 -9.84
CA GLY C 121 -16.47 -18.33 -8.61
C GLY C 121 -16.99 -19.63 -8.03
N PRO C 122 -16.84 -19.85 -6.70
CA PRO C 122 -17.30 -21.11 -6.11
C PRO C 122 -18.80 -21.30 -6.00
N SER C 123 -19.23 -22.57 -6.02
CA SER C 123 -20.62 -23.00 -5.83
C SER C 123 -20.66 -23.62 -4.44
N VAL C 124 -21.51 -23.07 -3.56
CA VAL C 124 -21.62 -23.53 -2.18
C VAL C 124 -22.87 -24.40 -1.99
N PHE C 125 -22.65 -25.69 -1.67
CA PHE C 125 -23.71 -26.67 -1.47
C PHE C 125 -23.76 -27.17 -0.02
N PRO C 126 -24.96 -27.38 0.58
CA PRO C 126 -24.98 -27.82 1.97
C PRO C 126 -24.71 -29.30 2.17
N LEU C 127 -23.95 -29.62 3.22
CA LEU C 127 -23.69 -30.98 3.67
C LEU C 127 -24.67 -31.10 4.83
N ALA C 128 -25.95 -31.34 4.50
CA ALA C 128 -27.08 -31.42 5.42
C ALA C 128 -26.95 -32.51 6.49
N PRO C 129 -27.38 -32.25 7.75
CA PRO C 129 -27.28 -33.29 8.78
C PRO C 129 -28.34 -34.39 8.63
N SER C 130 -27.90 -35.65 8.77
CA SER C 130 -28.72 -36.86 8.64
C SER C 130 -29.34 -37.32 9.98
N SER C 131 -30.51 -37.99 9.91
CA SER C 131 -31.26 -38.51 11.05
C SER C 131 -30.55 -39.64 11.80
N THR C 138 -24.81 -36.44 19.17
CA THR C 138 -24.55 -35.26 18.34
C THR C 138 -24.89 -35.49 16.85
N ALA C 139 -24.58 -34.49 16.00
CA ALA C 139 -24.81 -34.49 14.55
C ALA C 139 -23.72 -33.68 13.85
N ALA C 140 -23.44 -33.99 12.58
CA ALA C 140 -22.43 -33.26 11.80
C ALA C 140 -23.04 -32.66 10.55
N LEU C 141 -22.67 -31.42 10.26
CA LEU C 141 -23.11 -30.68 9.08
C LEU C 141 -21.98 -29.85 8.49
N GLY C 142 -22.15 -29.41 7.25
CA GLY C 142 -21.13 -28.61 6.61
C GLY C 142 -21.53 -27.92 5.33
N CYS C 143 -20.51 -27.46 4.60
CA CYS C 143 -20.65 -26.78 3.32
C CYS C 143 -19.59 -27.29 2.38
N LEU C 144 -19.96 -27.54 1.12
CA LEU C 144 -19.07 -27.95 0.07
C LEU C 144 -18.88 -26.76 -0.86
N VAL C 145 -17.67 -26.21 -0.85
CA VAL C 145 -17.25 -25.08 -1.67
C VAL C 145 -16.62 -25.70 -2.93
N LYS C 146 -17.45 -25.94 -3.95
CA LYS C 146 -17.02 -26.61 -5.17
C LYS C 146 -16.71 -25.69 -6.34
N ASP C 147 -15.73 -26.12 -7.18
CA ASP C 147 -15.24 -25.52 -8.42
C ASP C 147 -14.89 -24.04 -8.33
N TYR C 148 -13.70 -23.74 -7.76
CA TYR C 148 -13.22 -22.37 -7.65
C TYR C 148 -11.75 -22.24 -8.02
N PHE C 149 -11.38 -21.09 -8.56
CA PHE C 149 -10.00 -20.78 -8.95
C PHE C 149 -9.75 -19.27 -8.91
N PRO C 150 -8.59 -18.82 -8.36
CA PRO C 150 -7.49 -19.59 -7.76
C PRO C 150 -7.63 -19.71 -6.23
N GLU C 151 -6.63 -20.15 -5.52
CA GLU C 151 -6.88 -20.08 -4.08
C GLU C 151 -6.76 -18.57 -3.63
N PRO C 152 -7.40 -18.15 -2.48
CA PRO C 152 -8.08 -19.08 -1.61
C PRO C 152 -9.49 -18.65 -1.26
N VAL C 153 -10.11 -19.46 -0.38
CA VAL C 153 -11.45 -19.37 0.18
C VAL C 153 -11.39 -19.53 1.70
N THR C 154 -12.06 -18.63 2.42
CA THR C 154 -12.13 -18.63 3.88
C THR C 154 -13.56 -18.95 4.24
N VAL C 155 -13.73 -19.94 5.13
CA VAL C 155 -15.05 -20.37 5.56
C VAL C 155 -15.20 -20.15 7.05
N SER C 156 -16.26 -19.44 7.45
CA SER C 156 -16.58 -19.17 8.85
C SER C 156 -17.99 -19.69 9.10
N TRP C 157 -18.36 -19.86 10.38
CA TRP C 157 -19.68 -20.34 10.75
C TRP C 157 -20.35 -19.34 11.67
N ASN C 158 -21.62 -19.02 11.37
CA ASN C 158 -22.49 -18.08 12.09
C ASN C 158 -21.81 -16.69 12.27
N SER C 159 -21.08 -16.27 11.20
CA SER C 159 -20.32 -15.02 11.06
C SER C 159 -19.17 -14.89 12.08
N GLY C 160 -18.65 -16.03 12.53
CA GLY C 160 -17.55 -16.12 13.47
C GLY C 160 -17.93 -16.62 14.86
N ALA C 161 -19.24 -16.64 15.18
CA ALA C 161 -19.78 -17.09 16.46
C ALA C 161 -19.53 -18.58 16.73
N LEU C 162 -19.69 -19.44 15.71
CA LEU C 162 -19.47 -20.88 15.82
C LEU C 162 -18.06 -21.27 15.38
N THR C 163 -17.19 -21.60 16.35
CA THR C 163 -15.79 -21.98 16.10
C THR C 163 -15.42 -23.35 16.71
N SER C 164 -16.14 -23.78 17.77
CA SER C 164 -15.91 -25.07 18.43
C SER C 164 -16.41 -26.22 17.55
N GLY C 165 -15.56 -27.25 17.42
CA GLY C 165 -15.84 -28.43 16.61
C GLY C 165 -15.92 -28.16 15.11
N VAL C 166 -15.22 -27.12 14.64
CA VAL C 166 -15.19 -26.72 13.22
C VAL C 166 -13.90 -27.20 12.55
N HIS C 167 -14.04 -27.84 11.37
CA HIS C 167 -12.92 -28.32 10.56
C HIS C 167 -13.09 -27.85 9.11
N THR C 168 -12.27 -26.87 8.70
CA THR C 168 -12.25 -26.37 7.33
C THR C 168 -11.04 -27.02 6.66
N PHE C 169 -11.32 -28.00 5.80
CA PHE C 169 -10.35 -28.82 5.09
C PHE C 169 -9.47 -28.07 4.10
N PRO C 170 -8.19 -28.48 3.95
CA PRO C 170 -7.34 -27.85 2.91
C PRO C 170 -7.92 -28.17 1.54
N ALA C 171 -7.80 -27.23 0.59
CA ALA C 171 -8.35 -27.41 -0.75
C ALA C 171 -7.65 -28.48 -1.55
N VAL C 172 -8.45 -29.22 -2.33
CA VAL C 172 -7.95 -30.28 -3.20
C VAL C 172 -8.24 -29.87 -4.64
N LEU C 173 -7.17 -29.80 -5.46
CA LEU C 173 -7.25 -29.48 -6.87
C LEU C 173 -7.84 -30.70 -7.59
N GLN C 174 -9.00 -30.51 -8.24
CA GLN C 174 -9.71 -31.57 -8.95
C GLN C 174 -9.10 -31.76 -10.35
N SER C 175 -9.56 -32.79 -11.09
CA SER C 175 -9.12 -33.10 -12.45
C SER C 175 -9.45 -31.97 -13.43
N SER C 176 -10.52 -31.18 -13.13
CA SER C 176 -10.99 -30.04 -13.91
C SER C 176 -10.02 -28.85 -13.85
N GLY C 177 -9.14 -28.84 -12.85
CA GLY C 177 -8.16 -27.78 -12.62
C GLY C 177 -8.67 -26.72 -11.66
N LEU C 178 -9.87 -26.95 -11.09
CA LEU C 178 -10.53 -26.06 -10.15
C LEU C 178 -10.47 -26.68 -8.76
N TYR C 179 -10.22 -25.85 -7.74
CA TYR C 179 -10.14 -26.27 -6.34
C TYR C 179 -11.53 -26.55 -5.78
N SER C 180 -11.58 -27.38 -4.72
CA SER C 180 -12.81 -27.73 -4.01
C SER C 180 -12.50 -28.14 -2.58
N LEU C 181 -13.22 -27.57 -1.62
CA LEU C 181 -13.07 -27.96 -0.22
C LEU C 181 -14.41 -28.07 0.48
N SER C 182 -14.38 -28.67 1.68
CA SER C 182 -15.54 -28.85 2.55
C SER C 182 -15.21 -28.31 3.93
N SER C 183 -16.17 -27.64 4.55
CA SER C 183 -16.04 -27.12 5.89
C SER C 183 -17.11 -27.82 6.72
N VAL C 184 -16.69 -28.53 7.78
CA VAL C 184 -17.63 -29.27 8.64
C VAL C 184 -17.66 -28.72 10.06
N VAL C 185 -18.78 -28.97 10.75
CA VAL C 185 -19.02 -28.59 12.15
C VAL C 185 -19.92 -29.64 12.80
N THR C 186 -19.51 -30.11 13.99
CA THR C 186 -20.26 -31.08 14.76
C THR C 186 -21.05 -30.32 15.85
N VAL C 187 -22.38 -30.46 15.81
CA VAL C 187 -23.35 -29.76 16.67
C VAL C 187 -24.28 -30.75 17.42
N PRO C 188 -24.99 -30.36 18.52
CA PRO C 188 -25.92 -31.32 19.17
C PRO C 188 -27.12 -31.60 18.27
N SER C 189 -27.67 -32.83 18.33
CA SER C 189 -28.81 -33.24 17.52
C SER C 189 -30.09 -32.43 17.82
N SER C 190 -30.31 -32.07 19.09
CA SER C 190 -31.48 -31.30 19.55
C SER C 190 -31.47 -29.83 19.12
N SER C 191 -30.27 -29.27 18.86
CA SER C 191 -30.05 -27.87 18.44
C SER C 191 -30.80 -27.47 17.17
N LEU C 192 -30.90 -28.41 16.20
CA LEU C 192 -31.62 -28.21 14.93
C LEU C 192 -33.10 -27.97 15.23
N GLY C 193 -33.70 -27.03 14.51
CA GLY C 193 -35.09 -26.63 14.71
C GLY C 193 -35.15 -25.29 15.42
N THR C 194 -34.18 -25.03 16.32
CA THR C 194 -34.06 -23.77 17.06
C THR C 194 -32.86 -22.97 16.57
N GLN C 195 -31.73 -23.66 16.32
CA GLN C 195 -30.47 -23.07 15.85
C GLN C 195 -30.35 -23.08 14.32
N THR C 196 -29.96 -21.94 13.72
CA THR C 196 -29.75 -21.84 12.27
C THR C 196 -28.24 -21.83 12.02
N TYR C 197 -27.75 -22.80 11.24
CA TYR C 197 -26.33 -22.91 10.91
C TYR C 197 -26.06 -22.37 9.53
N ILE C 198 -25.23 -21.32 9.47
CA ILE C 198 -24.87 -20.64 8.22
C ILE C 198 -23.36 -20.63 8.06
N CYS C 199 -22.88 -21.06 6.88
CA CYS C 199 -21.46 -20.99 6.56
C CYS C 199 -21.24 -19.77 5.69
N ASN C 200 -20.19 -19.02 5.99
CA ASN C 200 -19.86 -17.79 5.29
C ASN C 200 -18.62 -18.00 4.46
N VAL C 201 -18.85 -18.25 3.17
CA VAL C 201 -17.82 -18.53 2.19
C VAL C 201 -17.42 -17.24 1.48
N ASN C 202 -16.12 -16.90 1.58
CA ASN C 202 -15.57 -15.71 0.97
C ASN C 202 -14.40 -16.06 0.05
N HIS C 203 -14.60 -15.89 -1.26
CA HIS C 203 -13.58 -16.12 -2.26
C HIS C 203 -13.23 -14.77 -2.86
N LYS C 204 -12.24 -14.11 -2.25
CA LYS C 204 -11.74 -12.78 -2.58
C LYS C 204 -11.31 -12.60 -4.07
N PRO C 205 -10.58 -13.54 -4.75
CA PRO C 205 -10.19 -13.28 -6.15
C PRO C 205 -11.32 -12.99 -7.13
N SER C 206 -12.44 -13.75 -7.02
CA SER C 206 -13.62 -13.57 -7.86
C SER C 206 -14.65 -12.65 -7.19
N ASN C 207 -14.34 -12.18 -5.96
CA ASN C 207 -15.17 -11.33 -5.09
C ASN C 207 -16.55 -11.97 -4.79
N THR C 208 -16.56 -13.31 -4.61
CA THR C 208 -17.74 -14.10 -4.30
C THR C 208 -17.89 -14.17 -2.78
N LYS C 209 -19.07 -13.85 -2.27
CA LYS C 209 -19.41 -13.89 -0.85
C LYS C 209 -20.75 -14.59 -0.73
N VAL C 210 -20.74 -15.81 -0.13
CA VAL C 210 -21.92 -16.67 0.01
C VAL C 210 -22.22 -16.94 1.49
N ASP C 211 -23.51 -16.85 1.87
CA ASP C 211 -24.00 -17.19 3.20
C ASP C 211 -25.01 -18.31 2.99
N LYS C 212 -24.58 -19.57 3.18
CA LYS C 212 -25.43 -20.73 2.94
C LYS C 212 -25.99 -21.34 4.22
N LYS C 213 -27.32 -21.41 4.30
CA LYS C 213 -28.07 -21.97 5.42
C LYS C 213 -28.05 -23.50 5.27
N VAL C 214 -27.48 -24.19 6.26
CA VAL C 214 -27.39 -25.65 6.27
C VAL C 214 -28.56 -26.19 7.07
N GLU C 215 -29.61 -26.59 6.36
CA GLU C 215 -30.86 -27.11 6.93
C GLU C 215 -30.94 -28.63 6.72
N PRO C 216 -31.52 -29.41 7.68
CA PRO C 216 -31.66 -30.87 7.47
C PRO C 216 -32.48 -31.18 6.21
N LYS C 217 -31.97 -32.10 5.38
CA LYS C 217 -32.59 -32.54 4.12
C LYS C 217 -33.99 -33.12 4.35
N SER C 218 -34.97 -32.67 3.54
CA SER C 218 -36.38 -33.10 3.64
C SER C 218 -36.58 -34.55 3.14
N CYS C 219 -36.60 -34.76 1.80
CA CYS C 219 -36.79 -36.08 1.18
C CYS C 219 -36.02 -36.19 -0.13
N GLU D 1 -1.64 0.42 -17.01
CA GLU D 1 -2.32 1.67 -17.37
C GLU D 1 -1.66 2.35 -18.57
N VAL D 2 -2.45 3.15 -19.31
CA VAL D 2 -2.05 3.91 -20.50
C VAL D 2 -0.91 4.87 -20.14
N GLN D 3 0.22 4.73 -20.84
CA GLN D 3 1.42 5.55 -20.64
C GLN D 3 1.97 6.06 -21.96
N LEU D 4 2.12 7.39 -22.07
CA LEU D 4 2.67 8.07 -23.25
C LEU D 4 3.88 8.88 -22.79
N VAL D 5 5.08 8.55 -23.30
CA VAL D 5 6.33 9.21 -22.93
C VAL D 5 6.99 9.80 -24.15
N GLU D 6 7.19 11.13 -24.15
CA GLU D 6 7.85 11.85 -25.25
C GLU D 6 9.33 12.03 -24.94
N SER D 7 10.17 11.73 -25.94
CA SER D 7 11.62 11.86 -25.88
C SER D 7 12.13 12.43 -27.21
N GLY D 8 13.35 12.96 -27.20
CA GLY D 8 13.98 13.52 -28.40
C GLY D 8 14.25 15.00 -28.39
N GLY D 9 13.43 15.75 -27.65
CA GLY D 9 13.50 17.20 -27.54
C GLY D 9 14.82 17.74 -27.00
N GLY D 10 15.30 18.80 -27.65
CA GLY D 10 16.54 19.47 -27.29
C GLY D 10 16.83 20.68 -28.14
N LEU D 11 18.03 21.24 -27.97
CA LEU D 11 18.49 22.43 -28.70
C LEU D 11 18.77 22.08 -30.17
N VAL D 12 18.17 22.86 -31.09
CA VAL D 12 18.32 22.71 -32.54
C VAL D 12 18.65 24.08 -33.14
N GLN D 13 19.56 24.10 -34.12
CA GLN D 13 19.98 25.29 -34.85
C GLN D 13 18.84 25.71 -35.81
N PRO D 14 18.50 27.03 -35.99
CA PRO D 14 17.44 27.41 -36.94
C PRO D 14 17.69 26.89 -38.35
N GLY D 15 16.65 26.32 -38.94
CA GLY D 15 16.68 25.69 -40.26
C GLY D 15 17.00 24.21 -40.19
N GLY D 16 17.42 23.77 -39.00
CA GLY D 16 17.80 22.40 -38.69
C GLY D 16 16.66 21.41 -38.58
N SER D 17 17.00 20.16 -38.20
CA SER D 17 16.06 19.04 -38.08
C SER D 17 16.16 18.28 -36.76
N LEU D 18 15.01 17.81 -36.25
CA LEU D 18 14.91 17.02 -35.02
C LEU D 18 13.78 16.01 -35.13
N ARG D 19 13.96 14.81 -34.54
CA ARG D 19 12.95 13.77 -34.51
C ARG D 19 12.55 13.47 -33.07
N LEU D 20 11.23 13.50 -32.82
CA LEU D 20 10.66 13.23 -31.50
C LEU D 20 10.00 11.88 -31.51
N SER D 21 10.11 11.16 -30.39
CA SER D 21 9.48 9.84 -30.22
C SER D 21 8.40 9.95 -29.13
N CYS D 22 7.29 9.22 -29.33
CA CYS D 22 6.20 9.11 -28.37
C CYS D 22 6.03 7.61 -28.07
N ALA D 23 6.64 7.16 -26.96
CA ALA D 23 6.61 5.77 -26.53
C ALA D 23 5.33 5.45 -25.76
N ALA D 24 4.42 4.71 -26.40
CA ALA D 24 3.13 4.31 -25.83
C ALA D 24 3.15 2.90 -25.23
N SER D 25 2.35 2.67 -24.16
CA SER D 25 2.18 1.41 -23.45
C SER D 25 0.84 1.37 -22.67
N GLY D 26 0.42 0.18 -22.25
CA GLY D 26 -0.80 -0.05 -21.49
C GLY D 26 -2.07 -0.18 -22.30
N PHE D 27 -1.94 -0.28 -23.65
CA PHE D 27 -3.05 -0.41 -24.59
C PHE D 27 -2.60 -0.97 -25.96
N THR D 28 -3.58 -1.46 -26.75
CA THR D 28 -3.35 -1.96 -28.10
C THR D 28 -3.11 -0.76 -29.02
N PHE D 29 -1.84 -0.53 -29.39
CA PHE D 29 -1.39 0.58 -30.23
C PHE D 29 -2.13 0.70 -31.57
N SER D 30 -2.30 -0.43 -32.28
CA SER D 30 -2.96 -0.49 -33.60
C SER D 30 -4.44 -0.06 -33.60
N ASN D 31 -5.07 -0.06 -32.43
CA ASN D 31 -6.49 0.22 -32.23
C ASN D 31 -6.86 1.71 -32.11
N TYR D 32 -5.88 2.62 -32.00
CA TYR D 32 -6.19 4.03 -31.80
C TYR D 32 -5.53 5.00 -32.80
N GLY D 33 -4.50 5.69 -32.34
CA GLY D 33 -3.76 6.68 -33.10
C GLY D 33 -3.07 7.65 -32.16
N ILE D 34 -2.21 8.50 -32.71
CA ILE D 34 -1.45 9.46 -31.91
C ILE D 34 -1.58 10.85 -32.53
N HIS D 35 -1.84 11.85 -31.67
CA HIS D 35 -1.90 13.25 -32.03
C HIS D 35 -0.68 13.95 -31.44
N TRP D 36 -0.29 15.08 -32.02
CA TRP D 36 0.80 15.89 -31.51
C TRP D 36 0.28 17.30 -31.28
N VAL D 37 0.42 17.78 -30.05
CA VAL D 37 -0.02 19.13 -29.67
C VAL D 37 1.19 19.81 -29.03
N ARG D 38 1.56 20.98 -29.55
CA ARG D 38 2.67 21.77 -29.02
C ARG D 38 2.17 22.99 -28.26
N GLN D 39 3.00 23.52 -27.35
CA GLN D 39 2.69 24.72 -26.59
C GLN D 39 3.93 25.59 -26.44
N ALA D 40 3.95 26.73 -27.16
CA ALA D 40 5.04 27.70 -27.13
C ALA D 40 5.11 28.37 -25.75
N PRO D 41 6.33 28.75 -25.26
CA PRO D 41 6.41 29.37 -23.92
C PRO D 41 5.57 30.63 -23.78
N GLY D 42 4.66 30.60 -22.81
CA GLY D 42 3.73 31.69 -22.51
C GLY D 42 2.56 31.78 -23.46
N LYS D 43 2.37 30.75 -24.31
CA LYS D 43 1.30 30.69 -25.30
C LYS D 43 0.36 29.50 -25.06
N GLY D 44 -0.73 29.43 -25.83
CA GLY D 44 -1.73 28.38 -25.70
C GLY D 44 -1.38 27.09 -26.43
N LEU D 45 -2.32 26.14 -26.45
CA LEU D 45 -2.19 24.83 -27.08
C LEU D 45 -2.45 24.86 -28.57
N GLU D 46 -1.57 24.22 -29.36
CA GLU D 46 -1.68 24.16 -30.82
C GLU D 46 -1.45 22.75 -31.35
N TRP D 47 -2.48 22.22 -32.02
CA TRP D 47 -2.50 20.88 -32.63
C TRP D 47 -1.58 20.90 -33.86
N VAL D 48 -0.45 20.19 -33.77
CA VAL D 48 0.56 20.04 -34.82
C VAL D 48 -0.03 19.08 -35.86
N GLY D 49 -0.52 17.91 -35.39
CA GLY D 49 -1.10 16.86 -36.24
C GLY D 49 -1.38 15.44 -35.70
N TRP D 50 -1.80 14.45 -36.60
CA TRP D 50 -2.10 13.05 -36.15
C TRP D 50 -1.79 11.82 -37.13
N ILE D 51 -1.70 10.57 -36.59
CA ILE D 51 -1.43 9.36 -37.37
C ILE D 51 -2.29 8.19 -36.90
N THR D 52 -2.81 7.41 -37.86
CA THR D 52 -3.51 6.16 -37.61
C THR D 52 -2.40 5.12 -37.70
N PRO D 53 -2.19 4.24 -36.70
CA PRO D 53 -1.14 3.21 -36.86
C PRO D 53 -1.57 2.17 -37.90
N ASP D 54 -2.91 1.96 -38.02
CA ASP D 54 -3.62 1.09 -38.94
C ASP D 54 -3.91 1.85 -40.24
N GLY D 55 -3.10 1.59 -41.27
CA GLY D 55 -3.24 2.25 -42.57
C GLY D 55 -2.12 3.21 -42.90
N GLY D 56 -1.67 3.96 -41.88
CA GLY D 56 -0.57 4.93 -42.00
C GLY D 56 -0.97 6.31 -42.44
N TYR D 57 -2.25 6.69 -42.27
CA TYR D 57 -2.78 8.00 -42.63
C TYR D 57 -2.24 9.11 -41.74
N THR D 58 -2.01 10.30 -42.32
CA THR D 58 -1.52 11.49 -41.60
C THR D 58 -2.30 12.74 -41.97
N ASP D 59 -2.41 13.69 -41.03
CA ASP D 59 -3.02 15.01 -41.22
C ASP D 59 -2.27 16.05 -40.38
N TYR D 60 -2.09 17.27 -40.93
CA TYR D 60 -1.31 18.31 -40.27
C TYR D 60 -2.01 19.66 -40.23
N ALA D 61 -1.51 20.55 -39.37
CA ALA D 61 -1.97 21.93 -39.30
C ALA D 61 -1.24 22.63 -40.44
N ASP D 62 -1.84 23.70 -41.02
CA ASP D 62 -1.22 24.46 -42.11
C ASP D 62 0.11 25.11 -41.70
N SER D 63 0.28 25.37 -40.38
CA SER D 63 1.47 25.97 -39.79
C SER D 63 2.70 25.06 -39.85
N VAL D 64 2.49 23.73 -39.85
CA VAL D 64 3.59 22.74 -39.84
C VAL D 64 3.65 21.91 -41.14
N LYS D 65 2.67 22.10 -42.06
CA LYS D 65 2.58 21.39 -43.34
C LYS D 65 3.84 21.55 -44.20
N GLY D 66 4.28 20.43 -44.78
CA GLY D 66 5.45 20.36 -45.64
C GLY D 66 6.75 20.06 -44.90
N ARG D 67 6.98 20.76 -43.78
CA ARG D 67 8.18 20.65 -42.95
C ARG D 67 8.11 19.51 -41.94
N PHE D 68 6.94 19.30 -41.31
CA PHE D 68 6.75 18.26 -40.30
C PHE D 68 6.18 16.98 -40.92
N THR D 69 6.73 15.83 -40.48
CA THR D 69 6.33 14.49 -40.94
C THR D 69 6.06 13.58 -39.74
N ILE D 70 4.83 13.07 -39.62
CA ILE D 70 4.46 12.15 -38.55
C ILE D 70 4.48 10.71 -39.08
N SER D 71 5.17 9.80 -38.36
CA SER D 71 5.29 8.38 -38.68
C SER D 71 4.93 7.52 -37.45
N ALA D 72 4.77 6.21 -37.64
CA ALA D 72 4.41 5.28 -36.56
C ALA D 72 5.05 3.90 -36.75
N ASP D 73 5.05 3.10 -35.67
CA ASP D 73 5.57 1.73 -35.64
C ASP D 73 4.80 0.94 -34.57
N THR D 74 3.84 0.10 -35.01
CA THR D 74 3.00 -0.73 -34.14
C THR D 74 3.83 -1.74 -33.33
N SER D 75 4.91 -2.27 -33.94
CA SER D 75 5.81 -3.26 -33.34
C SER D 75 6.68 -2.69 -32.22
N LYS D 76 6.83 -1.35 -32.18
CA LYS D 76 7.59 -0.65 -31.15
C LYS D 76 6.63 0.08 -30.21
N ASN D 77 5.34 0.26 -30.65
CA ASN D 77 4.25 0.98 -29.99
C ASN D 77 4.69 2.44 -29.81
N THR D 78 5.36 2.97 -30.86
CA THR D 78 5.94 4.30 -30.92
C THR D 78 5.51 5.05 -32.18
N ALA D 79 5.20 6.34 -31.99
CA ALA D 79 4.87 7.28 -33.04
C ALA D 79 5.97 8.33 -33.04
N TYR D 80 6.33 8.84 -34.20
CA TYR D 80 7.42 9.81 -34.34
C TYR D 80 6.98 11.08 -35.04
N LEU D 81 7.70 12.19 -34.78
CA LEU D 81 7.48 13.48 -35.42
C LEU D 81 8.80 14.05 -35.91
N GLN D 82 9.03 13.97 -37.23
CA GLN D 82 10.23 14.51 -37.87
C GLN D 82 9.94 15.97 -38.18
N MET D 83 10.74 16.86 -37.57
CA MET D 83 10.62 18.30 -37.74
C MET D 83 11.79 18.78 -38.59
N ASN D 84 11.49 19.42 -39.74
CA ASN D 84 12.48 19.97 -40.66
C ASN D 84 12.21 21.46 -40.85
N SER D 85 13.21 22.20 -41.44
CA SER D 85 13.14 23.65 -41.69
C SER D 85 12.58 24.37 -40.44
N LEU D 86 13.29 24.18 -39.31
CA LEU D 86 12.87 24.70 -38.02
C LEU D 86 13.03 26.20 -37.86
N ARG D 87 11.89 26.88 -37.72
CA ARG D 87 11.79 28.32 -37.49
C ARG D 87 11.77 28.55 -35.98
N ALA D 88 11.94 29.81 -35.53
CA ALA D 88 11.90 30.17 -34.11
C ALA D 88 10.52 29.86 -33.49
N GLU D 89 9.45 29.99 -34.32
CA GLU D 89 8.04 29.75 -33.99
C GLU D 89 7.76 28.30 -33.55
N ASP D 90 8.68 27.38 -33.86
CA ASP D 90 8.58 25.96 -33.54
C ASP D 90 9.02 25.63 -32.12
N THR D 91 9.66 26.60 -31.41
CA THR D 91 10.09 26.45 -30.02
C THR D 91 8.84 26.30 -29.15
N ALA D 92 8.65 25.10 -28.60
CA ALA D 92 7.47 24.74 -27.81
C ALA D 92 7.69 23.44 -27.06
N VAL D 93 6.78 23.14 -26.09
CA VAL D 93 6.79 21.86 -25.41
C VAL D 93 5.86 20.98 -26.25
N TYR D 94 6.40 19.91 -26.82
CA TYR D 94 5.66 18.99 -27.68
C TYR D 94 5.09 17.82 -26.90
N TYR D 95 3.77 17.70 -26.92
CA TYR D 95 3.03 16.63 -26.25
C TYR D 95 2.43 15.68 -27.26
N CYS D 96 2.32 14.40 -26.89
CA CYS D 96 1.64 13.40 -27.69
C CYS D 96 0.43 12.90 -26.92
N ALA D 97 -0.69 12.71 -27.61
CA ALA D 97 -1.94 12.25 -27.01
C ALA D 97 -2.53 11.13 -27.82
N ARG D 98 -3.17 10.16 -27.13
CA ARG D 98 -3.82 9.02 -27.74
C ARG D 98 -5.09 9.47 -28.44
N ALA D 99 -5.32 8.95 -29.67
CA ALA D 99 -6.54 9.24 -30.42
C ALA D 99 -7.70 8.41 -29.84
N GLY D 100 -8.92 8.78 -30.20
CA GLY D 100 -10.15 8.10 -29.76
C GLY D 100 -10.47 8.13 -28.28
N THR D 101 -9.92 9.11 -27.52
CA THR D 101 -10.15 9.21 -26.08
C THR D 101 -10.55 10.60 -25.61
N LEU D 102 -10.90 11.51 -26.54
CA LEU D 102 -11.34 12.88 -26.26
C LEU D 102 -10.25 13.67 -25.49
N PHE D 103 -8.98 13.34 -25.80
CA PHE D 103 -7.73 13.89 -25.26
C PHE D 103 -7.65 13.75 -23.73
N ALA D 104 -7.98 12.54 -23.22
CA ALA D 104 -7.90 12.20 -21.80
C ALA D 104 -6.47 11.81 -21.41
N TYR D 105 -5.76 11.13 -22.33
CA TYR D 105 -4.38 10.69 -22.11
C TYR D 105 -3.37 11.51 -22.93
N TRP D 106 -2.50 12.24 -22.20
CA TRP D 106 -1.41 13.03 -22.74
C TRP D 106 -0.13 12.50 -22.09
N GLY D 107 1.00 12.82 -22.71
CA GLY D 107 2.30 12.49 -22.15
C GLY D 107 2.79 13.67 -21.33
N GLN D 108 3.99 13.57 -20.76
CA GLN D 108 4.54 14.65 -19.93
C GLN D 108 5.02 15.87 -20.75
N GLY D 109 5.41 15.62 -22.00
CA GLY D 109 5.89 16.63 -22.93
C GLY D 109 7.39 16.76 -22.99
N THR D 110 7.93 17.00 -24.20
CA THR D 110 9.36 17.19 -24.46
C THR D 110 9.63 18.62 -24.98
N LEU D 111 10.71 19.26 -24.52
CA LEU D 111 11.02 20.64 -24.93
C LEU D 111 11.98 20.73 -26.12
N VAL D 112 11.48 21.36 -27.20
CA VAL D 112 12.24 21.62 -28.42
C VAL D 112 12.51 23.12 -28.45
N THR D 113 13.79 23.50 -28.41
CA THR D 113 14.24 24.88 -28.42
C THR D 113 15.04 25.18 -29.68
N VAL D 114 14.48 26.02 -30.58
CA VAL D 114 15.11 26.40 -31.84
C VAL D 114 15.92 27.68 -31.62
N SER D 115 17.25 27.53 -31.47
CA SER D 115 18.17 28.64 -31.21
C SER D 115 19.59 28.38 -31.74
N SER D 116 20.26 29.46 -32.18
CA SER D 116 21.63 29.44 -32.70
C SER D 116 22.65 29.31 -31.56
N ALA D 117 22.26 29.75 -30.33
CA ALA D 117 23.07 29.72 -29.10
C ALA D 117 23.53 28.30 -28.76
N SER D 118 24.67 28.18 -28.05
CA SER D 118 25.27 26.90 -27.67
C SER D 118 24.86 26.39 -26.28
N THR D 119 24.97 25.06 -26.10
CA THR D 119 24.64 24.35 -24.85
C THR D 119 25.68 24.66 -23.77
N LYS D 120 25.23 25.15 -22.60
CA LYS D 120 26.12 25.42 -21.47
C LYS D 120 25.59 24.78 -20.19
N GLY D 121 26.51 24.15 -19.47
CA GLY D 121 26.24 23.54 -18.18
C GLY D 121 26.22 24.59 -17.10
N PRO D 122 25.28 24.52 -16.14
CA PRO D 122 25.26 25.56 -15.09
C PRO D 122 26.31 25.36 -14.02
N SER D 123 26.64 26.46 -13.34
CA SER D 123 27.55 26.49 -12.20
C SER D 123 26.63 26.61 -10.97
N VAL D 124 26.81 25.73 -9.98
CA VAL D 124 25.95 25.71 -8.79
C VAL D 124 26.64 26.31 -7.57
N PHE D 125 26.07 27.40 -7.04
CA PHE D 125 26.61 28.11 -5.90
C PHE D 125 25.72 28.02 -4.67
N PRO D 126 26.29 27.98 -3.45
CA PRO D 126 25.44 27.90 -2.26
C PRO D 126 24.89 29.27 -1.84
N LEU D 127 23.78 29.26 -1.10
CA LEU D 127 23.18 30.47 -0.55
C LEU D 127 23.03 30.20 0.95
N ALA D 128 24.18 30.22 1.65
CA ALA D 128 24.36 29.94 3.08
C ALA D 128 23.40 30.70 4.04
N PRO D 129 22.93 30.04 5.12
CA PRO D 129 22.04 30.73 6.07
C PRO D 129 22.78 31.59 7.10
N SER D 130 22.06 32.48 7.79
CA SER D 130 22.61 33.38 8.82
C SER D 130 21.67 33.54 10.03
N GLY D 137 15.01 31.00 15.36
CA GLY D 137 13.99 29.97 15.18
C GLY D 137 13.98 29.37 13.79
N THR D 138 13.47 30.14 12.80
CA THR D 138 13.39 29.72 11.40
C THR D 138 14.58 30.26 10.58
N ALA D 139 15.19 29.37 9.78
CA ALA D 139 16.33 29.68 8.90
C ALA D 139 15.99 29.39 7.44
N ALA D 140 16.74 29.99 6.52
CA ALA D 140 16.55 29.80 5.09
C ALA D 140 17.88 29.76 4.35
N LEU D 141 17.98 28.83 3.39
CA LEU D 141 19.13 28.63 2.53
C LEU D 141 18.67 28.25 1.11
N GLY D 142 19.61 28.22 0.17
CA GLY D 142 19.31 27.84 -1.20
C GLY D 142 20.52 27.49 -2.06
N CYS D 143 20.28 27.34 -3.37
CA CYS D 143 21.29 27.06 -4.40
C CYS D 143 21.04 27.91 -5.62
N LEU D 144 22.08 28.62 -6.03
CA LEU D 144 22.05 29.46 -7.22
C LEU D 144 22.58 28.70 -8.43
N VAL D 145 21.66 28.30 -9.32
CA VAL D 145 21.96 27.58 -10.56
C VAL D 145 22.14 28.69 -11.62
N LYS D 146 23.41 29.08 -11.87
CA LYS D 146 23.74 30.20 -12.77
C LYS D 146 24.39 29.79 -14.09
N ASP D 147 24.08 30.56 -15.16
CA ASP D 147 24.58 30.48 -16.53
C ASP D 147 24.41 29.10 -17.17
N TYR D 148 23.26 28.86 -17.79
CA TYR D 148 22.97 27.60 -18.49
C TYR D 148 22.02 27.78 -19.66
N PHE D 149 22.17 26.91 -20.68
CA PHE D 149 21.35 26.91 -21.88
C PHE D 149 21.34 25.51 -22.53
N PRO D 150 20.19 25.02 -23.03
CA PRO D 150 18.84 25.63 -22.98
C PRO D 150 18.10 25.18 -21.73
N GLU D 151 16.78 25.37 -21.70
CA GLU D 151 15.94 24.89 -20.61
C GLU D 151 15.67 23.40 -20.90
N PRO D 152 15.38 22.52 -19.91
CA PRO D 152 15.17 22.77 -18.48
C PRO D 152 16.31 22.34 -17.55
N VAL D 153 16.16 22.65 -16.26
CA VAL D 153 17.03 22.26 -15.17
C VAL D 153 16.15 21.79 -14.01
N THR D 154 16.50 20.65 -13.42
CA THR D 154 15.75 20.11 -12.29
C THR D 154 16.55 20.27 -11.01
N VAL D 155 15.95 20.87 -9.98
CA VAL D 155 16.60 21.07 -8.69
C VAL D 155 15.89 20.25 -7.63
N SER D 156 16.61 19.35 -6.98
CA SER D 156 16.12 18.50 -5.91
C SER D 156 16.88 18.82 -4.62
N TRP D 157 16.28 18.49 -3.47
CA TRP D 157 16.91 18.72 -2.17
C TRP D 157 16.96 17.44 -1.36
N ASN D 158 18.15 17.12 -0.82
CA ASN D 158 18.46 15.93 0.00
C ASN D 158 18.02 14.61 -0.67
N SER D 159 18.20 14.55 -2.01
CA SER D 159 17.85 13.42 -2.90
C SER D 159 16.35 13.07 -2.82
N GLY D 160 15.51 14.08 -3.04
CA GLY D 160 14.06 13.96 -3.02
C GLY D 160 13.41 13.86 -1.65
N ALA D 161 14.24 13.76 -0.58
CA ALA D 161 13.79 13.65 0.82
C ALA D 161 13.41 14.99 1.47
N LEU D 162 13.50 16.09 0.71
CA LEU D 162 13.15 17.43 1.18
C LEU D 162 12.30 18.13 0.12
N THR D 163 11.00 18.24 0.40
CA THR D 163 10.00 18.86 -0.50
C THR D 163 9.23 19.98 0.22
N SER D 164 9.13 19.88 1.56
CA SER D 164 8.44 20.85 2.40
C SER D 164 9.26 22.15 2.56
N GLY D 165 8.62 23.28 2.24
CA GLY D 165 9.22 24.61 2.30
C GLY D 165 10.17 24.95 1.18
N VAL D 166 10.25 24.09 0.14
CA VAL D 166 11.12 24.25 -1.02
C VAL D 166 10.43 25.08 -2.11
N HIS D 167 11.15 26.10 -2.63
CA HIS D 167 10.69 26.96 -3.73
C HIS D 167 11.77 27.02 -4.81
N THR D 168 11.54 26.32 -5.93
CA THR D 168 12.46 26.31 -7.07
C THR D 168 11.86 27.31 -8.07
N PHE D 169 12.50 28.50 -8.17
CA PHE D 169 12.05 29.63 -8.96
C PHE D 169 12.16 29.45 -10.47
N PRO D 170 11.17 29.93 -11.27
CA PRO D 170 11.30 29.87 -12.74
C PRO D 170 12.59 30.55 -13.22
N ALA D 171 13.17 30.06 -14.31
CA ALA D 171 14.41 30.59 -14.84
C ALA D 171 14.22 31.93 -15.49
N VAL D 172 15.15 32.86 -15.25
CA VAL D 172 15.16 34.18 -15.88
C VAL D 172 16.23 34.21 -16.94
N LEU D 173 15.84 34.64 -18.15
CA LEU D 173 16.76 34.77 -19.27
C LEU D 173 17.54 36.06 -19.03
N GLN D 174 18.85 35.92 -18.71
CA GLN D 174 19.76 37.04 -18.43
C GLN D 174 20.08 37.83 -19.70
N SER D 175 20.86 38.92 -19.56
CA SER D 175 21.30 39.78 -20.67
C SER D 175 22.25 39.02 -21.60
N SER D 176 22.95 38.00 -21.06
CA SER D 176 23.91 37.14 -21.75
C SER D 176 23.27 36.06 -22.64
N GLY D 177 21.96 35.86 -22.53
CA GLY D 177 21.23 34.86 -23.29
C GLY D 177 21.18 33.50 -22.61
N LEU D 178 21.83 33.40 -21.42
CA LEU D 178 21.89 32.19 -20.60
C LEU D 178 20.86 32.30 -19.47
N TYR D 179 20.17 31.19 -19.17
CA TYR D 179 19.19 31.14 -18.08
C TYR D 179 19.90 31.03 -16.73
N SER D 180 19.20 31.42 -15.66
CA SER D 180 19.70 31.36 -14.29
C SER D 180 18.54 31.35 -13.31
N LEU D 181 18.55 30.38 -12.38
CA LEU D 181 17.52 30.33 -11.36
C LEU D 181 18.10 30.04 -9.97
N SER D 182 17.25 30.17 -8.96
CA SER D 182 17.59 29.90 -7.58
C SER D 182 16.54 28.98 -6.98
N SER D 183 16.97 28.11 -6.06
CA SER D 183 16.08 27.18 -5.37
C SER D 183 16.32 27.37 -3.90
N VAL D 184 15.28 27.79 -3.16
CA VAL D 184 15.37 28.04 -1.72
C VAL D 184 14.57 27.03 -0.90
N VAL D 185 14.89 26.91 0.39
CA VAL D 185 14.22 26.02 1.35
C VAL D 185 14.23 26.61 2.77
N THR D 186 13.05 26.60 3.42
CA THR D 186 12.86 27.05 4.81
C THR D 186 13.07 25.84 5.72
N VAL D 187 14.03 25.94 6.67
CA VAL D 187 14.39 24.88 7.63
C VAL D 187 14.61 25.44 9.07
N PRO D 188 14.48 24.64 10.17
CA PRO D 188 14.74 25.21 11.51
C PRO D 188 16.21 25.58 11.72
N SER D 189 16.47 26.70 12.44
CA SER D 189 17.83 27.16 12.73
C SER D 189 18.58 26.22 13.70
N SER D 190 17.83 25.39 14.46
CA SER D 190 18.37 24.39 15.37
C SER D 190 18.84 23.17 14.57
N SER D 191 18.13 22.87 13.45
CA SER D 191 18.41 21.77 12.53
C SER D 191 19.71 21.97 11.74
N LEU D 192 20.20 23.23 11.65
CA LEU D 192 21.46 23.58 10.98
C LEU D 192 22.64 22.97 11.72
N GLY D 193 23.65 22.53 10.97
CA GLY D 193 24.83 21.89 11.52
C GLY D 193 24.61 20.40 11.71
N THR D 194 23.59 20.04 12.50
CA THR D 194 23.17 18.66 12.79
C THR D 194 22.70 17.97 11.49
N GLN D 195 21.66 18.53 10.85
CA GLN D 195 21.11 18.04 9.57
C GLN D 195 21.78 18.79 8.42
N THR D 196 22.35 18.03 7.46
CA THR D 196 23.03 18.58 6.29
C THR D 196 22.05 18.82 5.14
N TYR D 197 22.33 19.87 4.33
CA TYR D 197 21.49 20.22 3.18
C TYR D 197 22.31 20.22 1.89
N ILE D 198 21.88 19.43 0.87
CA ILE D 198 22.60 19.28 -0.40
C ILE D 198 21.66 19.53 -1.59
N CYS D 199 22.00 20.41 -2.56
CA CYS D 199 21.09 20.51 -3.71
C CYS D 199 21.53 19.53 -4.80
N ASN D 200 20.55 18.95 -5.52
CA ASN D 200 20.72 17.93 -6.55
C ASN D 200 20.23 18.49 -7.88
N VAL D 201 21.13 19.25 -8.50
CA VAL D 201 20.95 19.95 -9.75
C VAL D 201 21.31 19.04 -10.91
N ASN D 202 20.40 18.94 -11.89
CA ASN D 202 20.61 18.14 -13.08
C ASN D 202 20.19 18.92 -14.33
N HIS D 203 21.13 19.05 -15.27
CA HIS D 203 20.91 19.73 -16.54
C HIS D 203 21.22 18.73 -17.66
N LYS D 204 20.19 17.96 -18.05
CA LYS D 204 20.24 16.91 -19.08
C LYS D 204 20.77 17.39 -20.45
N PRO D 205 20.44 18.62 -20.97
CA PRO D 205 20.99 19.02 -22.30
C PRO D 205 22.52 19.07 -22.40
N SER D 206 23.21 19.39 -21.29
CA SER D 206 24.68 19.45 -21.23
C SER D 206 25.23 18.26 -20.42
N ASN D 207 24.32 17.34 -20.00
CA ASN D 207 24.59 16.13 -19.19
C ASN D 207 25.38 16.47 -17.91
N THR D 208 24.93 17.54 -17.22
CA THR D 208 25.53 18.05 -15.98
C THR D 208 24.72 17.54 -14.78
N LYS D 209 25.44 17.06 -13.74
CA LYS D 209 24.88 16.56 -12.49
C LYS D 209 25.74 17.09 -11.36
N VAL D 210 25.19 18.01 -10.54
CA VAL D 210 25.91 18.66 -9.43
C VAL D 210 25.18 18.46 -8.10
N ASP D 211 25.93 18.11 -7.04
CA ASP D 211 25.41 17.93 -5.68
C ASP D 211 26.14 18.87 -4.72
N LYS D 212 25.65 20.10 -4.62
CA LYS D 212 26.27 21.14 -3.80
C LYS D 212 25.73 21.19 -2.37
N LYS D 213 26.63 20.94 -1.39
CA LYS D 213 26.31 20.99 0.03
C LYS D 213 26.30 22.46 0.49
N VAL D 214 25.15 22.93 1.02
CA VAL D 214 24.98 24.29 1.50
C VAL D 214 25.38 24.31 2.98
N GLU D 215 26.52 24.97 3.28
CA GLU D 215 27.06 25.07 4.64
C GLU D 215 27.13 26.51 5.16
N PRO D 216 26.78 26.75 6.46
CA PRO D 216 26.90 28.11 7.00
C PRO D 216 28.34 28.42 7.41
N LYS D 217 28.95 29.43 6.79
CA LYS D 217 30.33 29.85 7.09
C LYS D 217 30.41 30.81 8.28
N SER D 218 31.63 31.03 8.81
CA SER D 218 31.89 31.94 9.93
C SER D 218 33.18 32.78 9.76
N CYS D 219 33.61 32.99 8.49
CA CYS D 219 34.78 33.76 8.05
C CYS D 219 36.09 33.26 8.64
N ASP E 1 26.06 -17.07 -1.68
CA ASP E 1 24.90 -17.54 -0.95
C ASP E 1 25.29 -18.57 0.12
N ILE E 2 24.59 -18.54 1.26
CA ILE E 2 24.80 -19.50 2.36
C ILE E 2 23.63 -20.48 2.38
N GLN E 3 23.93 -21.78 2.23
CA GLN E 3 22.89 -22.81 2.21
C GLN E 3 22.69 -23.38 3.61
N MET E 4 21.44 -23.33 4.10
CA MET E 4 21.03 -23.85 5.41
C MET E 4 20.31 -25.18 5.20
N THR E 5 20.88 -26.28 5.74
CA THR E 5 20.32 -27.62 5.58
C THR E 5 19.86 -28.19 6.92
N GLN E 6 18.56 -28.42 7.04
CA GLN E 6 17.94 -28.94 8.24
C GLN E 6 17.89 -30.44 8.30
N SER E 7 17.91 -30.97 9.53
CA SER E 7 17.84 -32.38 9.83
C SER E 7 17.05 -32.59 11.14
N PRO E 8 16.04 -33.50 11.16
CA PRO E 8 15.59 -34.39 10.08
C PRO E 8 14.63 -33.68 9.11
N SER E 9 14.04 -34.41 8.15
CA SER E 9 13.05 -33.90 7.20
C SER E 9 11.74 -33.67 7.96
N SER E 10 11.40 -34.63 8.84
CA SER E 10 10.24 -34.66 9.71
C SER E 10 10.49 -35.58 10.90
N LEU E 11 9.62 -35.49 11.93
CA LEU E 11 9.71 -36.33 13.13
C LEU E 11 8.35 -36.42 13.84
N SER E 12 8.16 -37.52 14.61
CA SER E 12 6.98 -37.80 15.41
C SER E 12 7.43 -38.13 16.83
N ALA E 13 6.88 -37.43 17.81
CA ALA E 13 7.20 -37.62 19.22
C ALA E 13 5.95 -37.42 20.05
N SER E 14 5.89 -38.08 21.21
CA SER E 14 4.77 -37.98 22.13
C SER E 14 4.91 -36.73 23.01
N VAL E 15 3.83 -36.33 23.70
CA VAL E 15 3.80 -35.19 24.60
C VAL E 15 4.76 -35.51 25.77
N GLY E 16 5.67 -34.58 26.08
CA GLY E 16 6.64 -34.72 27.16
C GLY E 16 8.05 -35.08 26.71
N ASP E 17 8.21 -35.54 25.45
CA ASP E 17 9.48 -35.93 24.85
C ASP E 17 10.38 -34.74 24.59
N ARG E 18 11.70 -34.98 24.53
CA ARG E 18 12.69 -33.96 24.21
C ARG E 18 13.04 -34.12 22.74
N VAL E 19 12.65 -33.12 21.92
CA VAL E 19 12.87 -33.08 20.47
C VAL E 19 14.13 -32.26 20.18
N THR E 20 14.95 -32.73 19.24
CA THR E 20 16.20 -32.11 18.81
C THR E 20 16.21 -32.00 17.28
N ILE E 21 16.33 -30.77 16.76
CA ILE E 21 16.38 -30.47 15.33
C ILE E 21 17.71 -29.77 15.05
N THR E 22 18.47 -30.21 14.04
CA THR E 22 19.74 -29.60 13.68
C THR E 22 19.62 -28.81 12.37
N CYS E 23 20.58 -27.91 12.15
CA CYS E 23 20.68 -27.05 10.97
C CYS E 23 22.15 -26.81 10.66
N ARG E 24 22.55 -27.08 9.44
CA ARG E 24 23.94 -26.86 9.10
C ARG E 24 24.08 -25.84 7.96
N ALA E 25 24.97 -24.89 8.19
CA ALA E 25 25.27 -23.81 7.27
C ALA E 25 26.39 -24.21 6.32
N SER E 26 26.35 -23.73 5.06
CA SER E 26 27.38 -24.03 4.05
C SER E 26 28.75 -23.43 4.40
N GLN E 27 28.75 -22.35 5.21
CA GLN E 27 29.95 -21.65 5.71
C GLN E 27 29.74 -21.18 7.15
N ASP E 28 30.81 -20.62 7.78
CA ASP E 28 30.76 -20.12 9.16
C ASP E 28 29.90 -18.86 9.21
N VAL E 29 28.82 -18.92 10.00
CA VAL E 29 27.87 -17.82 10.17
C VAL E 29 27.82 -17.30 11.63
N SER E 30 28.87 -17.65 12.43
CA SER E 30 29.06 -17.27 13.83
C SER E 30 27.85 -17.63 14.72
N THR E 31 27.12 -16.62 15.25
CA THR E 31 25.95 -16.81 16.09
C THR E 31 24.69 -16.22 15.40
N ALA E 32 24.84 -15.72 14.15
CA ALA E 32 23.75 -15.14 13.35
C ALA E 32 22.78 -16.19 12.79
N VAL E 33 22.08 -16.90 13.69
CA VAL E 33 21.09 -17.93 13.37
C VAL E 33 19.81 -17.70 14.19
N ALA E 34 18.65 -17.83 13.51
CA ALA E 34 17.32 -17.69 14.11
C ALA E 34 16.47 -18.94 13.85
N TRP E 35 15.56 -19.25 14.78
CA TRP E 35 14.63 -20.37 14.64
C TRP E 35 13.20 -19.88 14.60
N TYR E 36 12.36 -20.57 13.80
CA TYR E 36 10.95 -20.22 13.61
C TYR E 36 10.05 -21.42 13.71
N GLN E 37 8.79 -21.18 14.12
CA GLN E 37 7.74 -22.17 14.21
C GLN E 37 6.74 -21.72 13.15
N GLN E 38 6.42 -22.60 12.19
CA GLN E 38 5.48 -22.20 11.15
C GLN E 38 4.25 -23.10 11.10
N LYS E 39 3.14 -22.58 11.63
CA LYS E 39 1.85 -23.25 11.60
C LYS E 39 1.29 -23.16 10.18
N PRO E 40 0.61 -24.22 9.67
CA PRO E 40 0.06 -24.15 8.29
C PRO E 40 -0.86 -22.96 8.07
N GLY E 41 -0.60 -22.23 6.98
CA GLY E 41 -1.35 -21.04 6.58
C GLY E 41 -1.08 -19.80 7.42
N LYS E 42 -0.04 -19.86 8.27
CA LYS E 42 0.35 -18.76 9.14
C LYS E 42 1.78 -18.35 8.89
N ALA E 43 2.13 -17.11 9.24
CA ALA E 43 3.48 -16.57 9.09
C ALA E 43 4.41 -17.18 10.12
N PRO E 44 5.73 -17.36 9.82
CA PRO E 44 6.64 -17.91 10.83
C PRO E 44 6.74 -17.00 12.06
N LYS E 45 6.67 -17.63 13.24
CA LYS E 45 6.77 -17.00 14.54
C LYS E 45 8.18 -17.28 15.04
N LEU E 46 8.92 -16.21 15.38
CA LEU E 46 10.30 -16.28 15.89
C LEU E 46 10.35 -16.97 17.26
N LEU E 47 11.29 -17.92 17.42
CA LEU E 47 11.46 -18.67 18.66
C LEU E 47 12.78 -18.29 19.33
N ILE E 48 13.89 -18.44 18.59
CA ILE E 48 15.26 -18.17 19.01
C ILE E 48 15.90 -17.23 18.00
N TYR E 49 16.74 -16.30 18.49
CA TYR E 49 17.59 -15.39 17.74
C TYR E 49 18.99 -15.51 18.36
N SER E 50 20.04 -14.94 17.72
CA SER E 50 21.44 -15.00 18.19
C SER E 50 21.89 -16.43 18.55
N ALA E 51 21.37 -17.42 17.78
CA ALA E 51 21.59 -18.87 17.89
C ALA E 51 21.12 -19.51 19.21
N SER E 52 21.02 -18.74 20.31
CA SER E 52 20.63 -19.26 21.63
C SER E 52 19.61 -18.42 22.42
N PHE E 53 19.44 -17.13 22.06
CA PHE E 53 18.55 -16.19 22.73
C PHE E 53 17.06 -16.45 22.51
N LEU E 54 16.34 -16.83 23.59
CA LEU E 54 14.90 -17.09 23.57
C LEU E 54 14.13 -15.78 23.48
N TYR E 55 13.36 -15.61 22.39
CA TYR E 55 12.56 -14.41 22.15
C TYR E 55 11.40 -14.36 23.15
N SER E 56 11.21 -13.19 23.78
CA SER E 56 10.17 -12.96 24.77
C SER E 56 8.78 -13.38 24.29
N GLY E 57 8.06 -14.11 25.14
CA GLY E 57 6.72 -14.64 24.87
C GLY E 57 6.71 -16.08 24.38
N VAL E 58 7.90 -16.67 24.19
CA VAL E 58 8.10 -18.05 23.74
C VAL E 58 8.44 -18.89 24.99
N PRO E 59 7.74 -20.03 25.25
CA PRO E 59 8.02 -20.83 26.46
C PRO E 59 9.47 -21.29 26.61
N SER E 60 9.92 -21.49 27.87
CA SER E 60 11.27 -21.93 28.21
C SER E 60 11.65 -23.32 27.68
N ARG E 61 10.66 -24.13 27.24
CA ARG E 61 10.88 -25.47 26.69
C ARG E 61 11.74 -25.44 25.42
N PHE E 62 11.62 -24.35 24.64
CA PHE E 62 12.39 -24.11 23.43
C PHE E 62 13.76 -23.54 23.81
N SER E 63 14.83 -24.08 23.20
CA SER E 63 16.20 -23.63 23.45
C SER E 63 17.07 -23.82 22.21
N GLY E 64 17.98 -22.87 21.99
CA GLY E 64 18.91 -22.89 20.88
C GLY E 64 20.34 -22.97 21.33
N SER E 65 21.21 -23.54 20.49
CA SER E 65 22.65 -23.69 20.72
C SER E 65 23.39 -23.92 19.41
N GLY E 66 24.68 -23.59 19.40
CA GLY E 66 25.54 -23.78 18.25
C GLY E 66 26.34 -22.56 17.85
N SER E 67 27.38 -22.79 17.04
CA SER E 67 28.28 -21.74 16.57
C SER E 67 28.94 -22.12 15.25
N GLY E 68 28.95 -21.17 14.33
CA GLY E 68 29.57 -21.31 13.01
C GLY E 68 28.84 -22.13 11.99
N THR E 69 29.09 -23.46 12.00
CA THR E 69 28.55 -24.37 11.00
C THR E 69 27.32 -25.20 11.46
N ASP E 70 27.29 -25.68 12.72
CA ASP E 70 26.20 -26.53 13.20
C ASP E 70 25.41 -25.95 14.37
N PHE E 71 24.08 -25.90 14.21
CA PHE E 71 23.14 -25.32 15.16
C PHE E 71 22.04 -26.30 15.52
N THR E 72 21.46 -26.15 16.72
CA THR E 72 20.46 -27.07 17.25
C THR E 72 19.30 -26.36 17.94
N LEU E 73 18.07 -26.80 17.64
CA LEU E 73 16.85 -26.35 18.31
C LEU E 73 16.35 -27.53 19.14
N THR E 74 16.08 -27.27 20.42
CA THR E 74 15.59 -28.27 21.35
C THR E 74 14.25 -27.81 21.92
N ILE E 75 13.33 -28.74 22.10
CA ILE E 75 12.01 -28.57 22.73
C ILE E 75 12.03 -29.60 23.85
N SER E 76 12.50 -29.17 25.05
CA SER E 76 12.70 -29.99 26.26
C SER E 76 11.55 -30.97 26.60
N SER E 77 10.31 -30.48 26.49
CA SER E 77 9.09 -31.25 26.73
C SER E 77 8.08 -30.85 25.68
N LEU E 78 7.88 -31.71 24.67
CA LEU E 78 6.96 -31.47 23.55
C LEU E 78 5.51 -31.36 24.00
N GLN E 79 4.79 -30.38 23.47
CA GLN E 79 3.39 -30.12 23.80
C GLN E 79 2.49 -30.29 22.56
N PRO E 80 1.16 -30.54 22.69
CA PRO E 80 0.32 -30.70 21.49
C PRO E 80 0.33 -29.49 20.56
N GLU E 81 0.41 -28.27 21.14
CA GLU E 81 0.45 -27.00 20.40
C GLU E 81 1.77 -26.75 19.63
N ASP E 82 2.75 -27.67 19.73
CA ASP E 82 4.08 -27.55 19.10
C ASP E 82 4.14 -28.13 17.66
N PHE E 83 3.00 -28.63 17.15
CA PHE E 83 2.87 -29.20 15.81
C PHE E 83 3.01 -28.09 14.74
N ALA E 84 4.12 -28.13 13.98
CA ALA E 84 4.43 -27.15 12.92
C ALA E 84 5.64 -27.58 12.10
N THR E 85 6.03 -26.71 11.15
CA THR E 85 7.24 -26.87 10.36
C THR E 85 8.20 -25.86 10.94
N TYR E 86 9.32 -26.33 11.48
CA TYR E 86 10.34 -25.51 12.10
C TYR E 86 11.42 -25.15 11.09
N TYR E 87 11.81 -23.85 11.06
CA TYR E 87 12.83 -23.33 10.13
C TYR E 87 13.99 -22.65 10.84
N CYS E 88 15.21 -22.86 10.32
CA CYS E 88 16.42 -22.18 10.78
C CYS E 88 16.74 -21.13 9.70
N GLN E 89 17.25 -19.98 10.11
CA GLN E 89 17.57 -18.89 9.19
C GLN E 89 18.91 -18.31 9.54
N GLN E 90 19.68 -17.89 8.52
CA GLN E 90 20.94 -17.20 8.72
C GLN E 90 20.79 -15.74 8.36
N TYR E 91 21.23 -14.86 9.24
CA TYR E 91 21.21 -13.42 9.02
C TYR E 91 22.61 -12.88 9.11
N TYR E 92 23.56 -13.69 8.58
CA TYR E 92 24.98 -13.37 8.51
C TYR E 92 25.14 -12.35 7.37
N THR E 93 24.27 -12.49 6.36
CA THR E 93 24.11 -11.59 5.20
C THR E 93 22.69 -11.03 5.20
N THR E 94 22.49 -9.80 4.68
CA THR E 94 21.17 -9.14 4.63
C THR E 94 20.18 -9.95 3.78
N ALA E 95 20.69 -10.62 2.72
CA ALA E 95 19.93 -11.51 1.85
C ALA E 95 19.83 -12.85 2.60
N THR E 96 18.97 -12.88 3.64
CA THR E 96 18.76 -14.02 4.53
C THR E 96 18.27 -15.28 3.81
N THR E 97 18.84 -16.42 4.21
CA THR E 97 18.44 -17.72 3.67
C THR E 97 17.85 -18.55 4.80
N PHE E 98 16.84 -19.36 4.46
CA PHE E 98 16.14 -20.24 5.39
C PHE E 98 16.39 -21.69 5.00
N GLY E 99 16.29 -22.59 5.97
CA GLY E 99 16.44 -24.02 5.73
C GLY E 99 15.17 -24.56 5.09
N GLN E 100 15.22 -25.80 4.56
CA GLN E 100 14.06 -26.42 3.88
C GLN E 100 12.88 -26.72 4.85
N GLY E 101 13.15 -26.77 6.14
CA GLY E 101 12.15 -27.02 7.16
C GLY E 101 12.22 -28.41 7.77
N THR E 102 11.57 -28.57 8.94
CA THR E 102 11.47 -29.82 9.68
C THR E 102 10.06 -29.90 10.23
N LYS E 103 9.26 -30.86 9.74
CA LYS E 103 7.88 -31.05 10.19
C LYS E 103 7.85 -31.89 11.47
N VAL E 104 7.23 -31.33 12.52
CA VAL E 104 7.09 -32.00 13.80
C VAL E 104 5.63 -32.36 13.99
N GLU E 105 5.34 -33.66 14.03
CA GLU E 105 4.01 -34.23 14.28
C GLU E 105 3.99 -34.75 15.72
N ILE E 106 2.80 -34.77 16.35
CA ILE E 106 2.64 -35.24 17.73
C ILE E 106 2.05 -36.65 17.73
N LYS E 107 2.60 -37.52 18.59
CA LYS E 107 2.13 -38.90 18.80
C LYS E 107 1.26 -38.94 20.03
N ARG E 108 0.16 -39.68 19.96
CA ARG E 108 -0.79 -39.81 21.07
C ARG E 108 -1.44 -41.19 21.06
N THR E 109 -2.41 -41.43 21.98
CA THR E 109 -3.14 -42.69 22.10
C THR E 109 -3.98 -42.90 20.82
N VAL E 110 -4.49 -44.12 20.64
CA VAL E 110 -5.34 -44.43 19.48
C VAL E 110 -6.75 -43.89 19.75
N ALA E 111 -7.24 -43.05 18.83
CA ALA E 111 -8.57 -42.44 18.87
C ALA E 111 -9.31 -42.87 17.60
N ALA E 112 -10.46 -43.53 17.76
CA ALA E 112 -11.27 -44.02 16.64
C ALA E 112 -12.03 -42.88 15.96
N PRO E 113 -12.12 -42.85 14.62
CA PRO E 113 -12.86 -41.76 13.97
C PRO E 113 -14.37 -41.88 14.10
N SER E 114 -15.06 -40.73 14.07
CA SER E 114 -16.52 -40.63 14.09
C SER E 114 -16.88 -40.49 12.62
N VAL E 115 -17.52 -41.52 12.04
CA VAL E 115 -17.81 -41.53 10.61
C VAL E 115 -19.22 -41.02 10.31
N PHE E 116 -19.31 -40.15 9.29
CA PHE E 116 -20.55 -39.52 8.80
C PHE E 116 -20.55 -39.52 7.28
N ILE E 117 -21.68 -39.88 6.66
CA ILE E 117 -21.82 -39.86 5.21
C ILE E 117 -22.83 -38.76 4.81
N PHE E 118 -22.49 -37.98 3.78
CA PHE E 118 -23.34 -36.89 3.29
C PHE E 118 -23.76 -37.08 1.83
N PRO E 119 -25.08 -37.24 1.55
CA PRO E 119 -25.53 -37.36 0.15
C PRO E 119 -25.38 -36.02 -0.57
N PRO E 120 -25.22 -35.98 -1.92
CA PRO E 120 -25.12 -34.68 -2.59
C PRO E 120 -26.44 -33.92 -2.48
N SER E 121 -26.36 -32.59 -2.37
CA SER E 121 -27.53 -31.71 -2.26
C SER E 121 -28.31 -31.66 -3.56
N ASP E 122 -29.61 -31.34 -3.49
CA ASP E 122 -30.44 -31.20 -4.69
C ASP E 122 -30.05 -29.99 -5.51
N GLU E 123 -29.46 -28.96 -4.84
CA GLU E 123 -28.93 -27.72 -5.42
C GLU E 123 -27.79 -28.06 -6.40
N GLN E 124 -26.93 -29.04 -6.03
CA GLN E 124 -25.82 -29.54 -6.83
C GLN E 124 -26.35 -30.41 -7.99
N LEU E 125 -27.45 -31.15 -7.74
CA LEU E 125 -28.13 -32.01 -8.71
C LEU E 125 -29.02 -31.20 -9.68
N LYS E 126 -28.48 -30.06 -10.16
CA LYS E 126 -29.10 -29.12 -11.11
C LYS E 126 -28.03 -28.75 -12.13
N SER E 127 -26.76 -28.82 -11.73
CA SER E 127 -25.58 -28.53 -12.54
C SER E 127 -25.24 -29.71 -13.44
N GLY E 128 -25.62 -30.92 -13.00
CA GLY E 128 -25.35 -32.17 -13.70
C GLY E 128 -24.19 -32.95 -13.11
N THR E 129 -23.89 -32.69 -11.83
CA THR E 129 -22.81 -33.33 -11.06
C THR E 129 -23.31 -33.65 -9.64
N ALA E 130 -22.71 -34.65 -9.00
CA ALA E 130 -23.03 -35.11 -7.65
C ALA E 130 -21.76 -35.43 -6.87
N SER E 131 -21.62 -34.82 -5.68
CA SER E 131 -20.49 -35.05 -4.79
C SER E 131 -20.96 -35.69 -3.49
N VAL E 132 -20.48 -36.91 -3.22
CA VAL E 132 -20.82 -37.67 -2.02
C VAL E 132 -19.60 -37.56 -1.10
N VAL E 133 -19.81 -37.08 0.15
CA VAL E 133 -18.73 -36.85 1.10
C VAL E 133 -18.80 -37.78 2.31
N CYS E 134 -17.63 -38.33 2.72
CA CYS E 134 -17.46 -39.21 3.88
C CYS E 134 -16.52 -38.50 4.87
N LEU E 135 -16.97 -38.32 6.11
CA LEU E 135 -16.22 -37.62 7.16
C LEU E 135 -15.76 -38.52 8.29
N LEU E 136 -14.44 -38.56 8.52
CA LEU E 136 -13.78 -39.28 9.60
C LEU E 136 -13.36 -38.16 10.57
N ASN E 137 -14.00 -38.09 11.74
CA ASN E 137 -13.76 -37.03 12.70
C ASN E 137 -12.98 -37.42 13.93
N ASN E 138 -11.97 -36.58 14.27
CA ASN E 138 -11.09 -36.64 15.43
C ASN E 138 -10.52 -38.03 15.69
N PHE E 139 -9.44 -38.37 14.94
CA PHE E 139 -8.79 -39.67 15.03
C PHE E 139 -7.27 -39.61 15.05
N TYR E 140 -6.67 -40.67 15.62
CA TYR E 140 -5.22 -40.88 15.65
C TYR E 140 -4.91 -42.38 15.53
N PRO E 141 -3.97 -42.81 14.66
CA PRO E 141 -3.11 -42.01 13.77
C PRO E 141 -3.77 -41.57 12.48
N ARG E 142 -3.02 -40.83 11.61
CA ARG E 142 -3.46 -40.35 10.30
C ARG E 142 -3.87 -41.52 9.40
N GLU E 143 -3.10 -42.64 9.45
CA GLU E 143 -3.34 -43.84 8.65
C GLU E 143 -4.77 -44.34 8.81
N ALA E 144 -5.50 -44.31 7.69
CA ALA E 144 -6.88 -44.75 7.55
C ALA E 144 -7.12 -45.16 6.10
N LYS E 145 -8.14 -45.97 5.86
CA LYS E 145 -8.51 -46.41 4.52
C LYS E 145 -9.99 -46.16 4.30
N VAL E 146 -10.32 -45.39 3.26
CA VAL E 146 -11.71 -45.07 2.90
C VAL E 146 -11.98 -45.63 1.50
N GLN E 147 -12.81 -46.67 1.45
CA GLN E 147 -13.21 -47.35 0.21
C GLN E 147 -14.66 -47.03 -0.04
N TRP E 148 -14.98 -46.61 -1.27
CA TRP E 148 -16.36 -46.32 -1.66
C TRP E 148 -16.95 -47.55 -2.34
N LYS E 149 -18.08 -48.02 -1.83
CA LYS E 149 -18.81 -49.17 -2.38
C LYS E 149 -20.20 -48.72 -2.83
N VAL E 150 -20.37 -48.48 -4.14
CA VAL E 150 -21.65 -48.04 -4.72
C VAL E 150 -22.36 -49.29 -5.26
N ASP E 151 -23.39 -49.74 -4.51
CA ASP E 151 -24.16 -50.96 -4.77
C ASP E 151 -23.23 -52.18 -4.82
N ASN E 152 -22.42 -52.31 -3.74
CA ASN E 152 -21.43 -53.36 -3.47
C ASN E 152 -20.26 -53.37 -4.45
N ALA E 153 -20.15 -52.34 -5.31
CA ALA E 153 -19.06 -52.21 -6.29
C ALA E 153 -18.02 -51.23 -5.79
N LEU E 154 -16.77 -51.68 -5.66
CA LEU E 154 -15.64 -50.86 -5.22
C LEU E 154 -15.34 -49.79 -6.28
N GLN E 155 -15.37 -48.51 -5.85
CA GLN E 155 -15.11 -47.35 -6.72
C GLN E 155 -13.62 -47.01 -6.78
N SER E 156 -13.12 -46.68 -7.98
CA SER E 156 -11.71 -46.35 -8.20
C SER E 156 -11.52 -45.17 -9.15
N GLY E 157 -10.63 -44.25 -8.76
CA GLY E 157 -10.26 -43.06 -9.53
C GLY E 157 -11.25 -41.90 -9.55
N ASN E 158 -12.36 -42.00 -8.79
CA ASN E 158 -13.40 -40.96 -8.74
C ASN E 158 -13.55 -40.31 -7.36
N SER E 159 -12.55 -40.51 -6.47
CA SER E 159 -12.54 -39.94 -5.13
C SER E 159 -11.25 -39.18 -4.80
N GLN E 160 -11.38 -38.12 -3.97
CA GLN E 160 -10.26 -37.28 -3.52
C GLN E 160 -10.32 -37.10 -2.01
N GLU E 161 -9.19 -37.35 -1.33
CA GLU E 161 -9.07 -37.24 0.11
C GLU E 161 -8.42 -35.95 0.58
N SER E 162 -8.94 -35.41 1.68
CA SER E 162 -8.45 -34.20 2.32
C SER E 162 -8.34 -34.45 3.81
N VAL E 163 -7.23 -34.04 4.41
CA VAL E 163 -6.99 -34.23 5.84
C VAL E 163 -6.62 -32.90 6.51
N THR E 164 -7.22 -32.62 7.67
CA THR E 164 -6.93 -31.42 8.44
C THR E 164 -5.58 -31.59 9.14
N GLU E 165 -4.97 -30.48 9.57
CA GLU E 165 -3.72 -30.49 10.31
C GLU E 165 -4.08 -30.83 11.76
N GLN E 166 -3.16 -31.45 12.51
CA GLN E 166 -3.37 -31.88 13.90
C GLN E 166 -4.00 -30.83 14.80
N ASP E 167 -4.97 -31.26 15.62
CA ASP E 167 -5.67 -30.41 16.60
C ASP E 167 -4.64 -29.96 17.65
N SER E 168 -4.63 -28.67 17.97
CA SER E 168 -3.67 -28.09 18.92
C SER E 168 -3.93 -28.46 20.39
N LYS E 169 -5.05 -29.15 20.68
CA LYS E 169 -5.41 -29.56 22.04
C LYS E 169 -5.34 -31.09 22.25
N ASP E 170 -5.91 -31.89 21.31
CA ASP E 170 -5.92 -33.36 21.48
C ASP E 170 -5.14 -34.15 20.40
N SER E 171 -4.38 -33.46 19.52
CA SER E 171 -3.52 -34.05 18.46
C SER E 171 -4.23 -35.01 17.47
N THR E 172 -5.54 -34.84 17.28
CA THR E 172 -6.33 -35.67 16.38
C THR E 172 -6.40 -35.11 14.95
N TYR E 173 -6.89 -35.92 14.00
CA TYR E 173 -7.05 -35.58 12.59
C TYR E 173 -8.51 -35.67 12.18
N SER E 174 -8.85 -35.09 11.05
CA SER E 174 -10.18 -35.17 10.44
C SER E 174 -9.98 -35.37 8.95
N LEU E 175 -10.74 -36.28 8.34
CA LEU E 175 -10.58 -36.63 6.93
C LEU E 175 -11.89 -36.55 6.16
N SER E 176 -11.82 -36.03 4.94
CA SER E 176 -12.96 -35.99 4.04
C SER E 176 -12.58 -36.72 2.75
N SER E 177 -13.45 -37.64 2.30
CA SER E 177 -13.30 -38.37 1.04
C SER E 177 -14.48 -37.97 0.19
N THR E 178 -14.22 -37.31 -0.94
CA THR E 178 -15.27 -36.82 -1.82
C THR E 178 -15.32 -37.61 -3.13
N LEU E 179 -16.39 -38.41 -3.29
CA LEU E 179 -16.67 -39.22 -4.48
C LEU E 179 -17.44 -38.33 -5.47
N THR E 180 -16.95 -38.24 -6.72
CA THR E 180 -17.56 -37.41 -7.76
C THR E 180 -18.12 -38.25 -8.90
N LEU E 181 -19.43 -38.09 -9.15
CA LEU E 181 -20.19 -38.74 -10.22
C LEU E 181 -21.05 -37.69 -10.90
N SER E 182 -21.50 -37.95 -12.13
CA SER E 182 -22.40 -37.04 -12.83
C SER E 182 -23.81 -37.40 -12.34
N LYS E 183 -24.76 -36.44 -12.38
CA LYS E 183 -26.16 -36.63 -11.97
C LYS E 183 -26.74 -37.94 -12.53
N ALA E 184 -26.53 -38.20 -13.84
CA ALA E 184 -26.96 -39.41 -14.54
C ALA E 184 -26.36 -40.67 -13.92
N ASP E 185 -25.04 -40.66 -13.63
CA ASP E 185 -24.31 -41.78 -13.01
C ASP E 185 -24.78 -42.00 -11.56
N TYR E 186 -24.99 -40.91 -10.82
CA TYR E 186 -25.47 -40.95 -9.44
C TYR E 186 -26.92 -41.47 -9.33
N GLU E 187 -27.79 -41.06 -10.27
CA GLU E 187 -29.19 -41.48 -10.28
C GLU E 187 -29.40 -42.92 -10.74
N LYS E 188 -28.36 -43.55 -11.30
CA LYS E 188 -28.41 -44.94 -11.76
C LYS E 188 -28.17 -45.97 -10.64
N HIS E 189 -27.84 -45.49 -9.42
CA HIS E 189 -27.56 -46.36 -8.28
C HIS E 189 -28.46 -46.08 -7.07
N LYS E 190 -28.38 -46.93 -6.03
CA LYS E 190 -29.18 -46.79 -4.82
C LYS E 190 -28.30 -46.69 -3.56
N VAL E 191 -27.55 -47.75 -3.22
CA VAL E 191 -26.73 -47.82 -2.01
C VAL E 191 -25.36 -47.15 -2.20
N TYR E 192 -25.12 -46.09 -1.40
CA TYR E 192 -23.89 -45.32 -1.37
C TYR E 192 -23.26 -45.48 0.00
N ALA E 193 -22.08 -46.12 0.05
CA ALA E 193 -21.37 -46.40 1.30
C ALA E 193 -19.88 -46.10 1.26
N CYS E 194 -19.33 -45.66 2.40
CA CYS E 194 -17.90 -45.47 2.58
C CYS E 194 -17.42 -46.36 3.75
N GLU E 195 -16.55 -47.33 3.43
CA GLU E 195 -16.00 -48.28 4.38
C GLU E 195 -14.70 -47.72 4.96
N VAL E 196 -14.70 -47.49 6.28
CA VAL E 196 -13.57 -46.91 7.01
C VAL E 196 -12.79 -47.97 7.77
N THR E 197 -11.48 -48.06 7.49
CA THR E 197 -10.56 -49.00 8.13
C THR E 197 -9.53 -48.18 8.94
N HIS E 198 -9.58 -48.29 10.28
CA HIS E 198 -8.69 -47.58 11.19
C HIS E 198 -8.23 -48.48 12.36
N GLN E 199 -7.16 -48.06 13.08
CA GLN E 199 -6.58 -48.77 14.22
C GLN E 199 -7.50 -48.75 15.45
N GLY E 200 -8.33 -47.71 15.57
CA GLY E 200 -9.28 -47.53 16.66
C GLY E 200 -10.59 -48.27 16.46
N LEU E 201 -10.83 -48.75 15.22
CA LEU E 201 -12.03 -49.50 14.85
C LEU E 201 -11.69 -50.98 14.76
N SER E 202 -12.39 -51.80 15.55
CA SER E 202 -12.20 -53.26 15.61
C SER E 202 -12.42 -53.93 14.24
N SER E 203 -13.52 -53.56 13.56
CA SER E 203 -13.92 -54.06 12.25
C SER E 203 -14.16 -52.86 11.31
N PRO E 204 -13.90 -52.98 9.98
CA PRO E 204 -14.14 -51.83 9.07
C PRO E 204 -15.59 -51.33 9.06
N VAL E 205 -15.79 -50.17 9.71
CA VAL E 205 -17.09 -49.51 9.88
C VAL E 205 -17.62 -48.94 8.55
N THR E 206 -18.90 -49.22 8.23
CA THR E 206 -19.56 -48.74 7.02
C THR E 206 -20.72 -47.79 7.35
N LYS E 207 -20.67 -46.56 6.81
CA LYS E 207 -21.75 -45.58 6.95
C LYS E 207 -22.38 -45.44 5.58
N SER E 208 -23.70 -45.65 5.49
CA SER E 208 -24.38 -45.66 4.20
C SER E 208 -25.76 -45.03 4.18
N PHE E 209 -26.22 -44.68 2.98
CA PHE E 209 -27.54 -44.12 2.69
C PHE E 209 -28.03 -44.68 1.34
N ASN E 210 -29.35 -44.72 1.16
CA ASN E 210 -29.95 -45.15 -0.10
C ASN E 210 -30.48 -43.88 -0.77
N ARG E 211 -30.06 -43.63 -2.03
CA ARG E 211 -30.45 -42.44 -2.79
C ARG E 211 -31.97 -42.28 -2.95
N GLY E 212 -32.47 -41.11 -2.54
CA GLY E 212 -33.89 -40.75 -2.60
C GLY E 212 -34.67 -41.01 -1.33
N GLU E 213 -34.14 -41.86 -0.43
CA GLU E 213 -34.78 -42.25 0.83
C GLU E 213 -34.80 -41.13 1.86
N CYS E 214 -35.95 -40.97 2.53
CA CYS E 214 -36.18 -39.95 3.57
C CYS E 214 -35.59 -40.41 4.90
N ASP F 1 -11.58 25.87 -40.25
CA ASP F 1 -10.65 26.47 -39.29
C ASP F 1 -11.40 27.23 -38.19
N ILE F 2 -12.14 26.48 -37.35
CA ILE F 2 -12.94 26.99 -36.22
C ILE F 2 -12.04 27.67 -35.19
N GLN F 3 -12.50 28.79 -34.62
CA GLN F 3 -11.77 29.56 -33.61
C GLN F 3 -12.48 29.45 -32.27
N MET F 4 -11.73 29.23 -31.19
CA MET F 4 -12.26 29.14 -29.81
C MET F 4 -11.78 30.35 -29.04
N THR F 5 -12.72 31.18 -28.56
CA THR F 5 -12.43 32.42 -27.84
C THR F 5 -12.94 32.39 -26.41
N GLN F 6 -12.03 32.42 -25.43
CA GLN F 6 -12.36 32.40 -24.00
C GLN F 6 -12.53 33.78 -23.39
N SER F 7 -13.34 33.87 -22.32
CA SER F 7 -13.62 35.09 -21.57
C SER F 7 -13.84 34.74 -20.09
N PRO F 8 -13.14 35.40 -19.13
CA PRO F 8 -12.14 36.45 -19.29
C PRO F 8 -10.76 35.88 -19.65
N SER F 9 -9.75 36.75 -19.81
CA SER F 9 -8.39 36.31 -20.08
C SER F 9 -7.76 35.80 -18.77
N SER F 10 -8.17 36.43 -17.65
CA SER F 10 -7.73 36.10 -16.29
C SER F 10 -8.77 36.56 -15.26
N LEU F 11 -8.79 35.92 -14.07
CA LEU F 11 -9.69 36.24 -12.97
C LEU F 11 -9.11 35.82 -11.61
N SER F 12 -9.37 36.63 -10.57
CA SER F 12 -8.96 36.37 -9.20
C SER F 12 -10.21 36.15 -8.36
N ALA F 13 -10.26 35.03 -7.62
CA ALA F 13 -11.40 34.67 -6.77
C ALA F 13 -10.96 34.05 -5.45
N SER F 14 -11.80 34.20 -4.41
CA SER F 14 -11.54 33.66 -3.08
C SER F 14 -11.99 32.20 -2.99
N VAL F 15 -11.56 31.47 -1.95
CA VAL F 15 -11.95 30.09 -1.71
C VAL F 15 -13.46 30.05 -1.35
N GLY F 16 -14.22 29.25 -2.11
CA GLY F 16 -15.66 29.10 -1.93
C GLY F 16 -16.48 29.86 -2.96
N ASP F 17 -15.81 30.66 -3.80
CA ASP F 17 -16.42 31.47 -4.87
C ASP F 17 -16.88 30.64 -6.04
N ARG F 18 -17.92 31.12 -6.73
CA ARG F 18 -18.44 30.50 -7.94
C ARG F 18 -17.73 31.19 -9.10
N VAL F 19 -16.92 30.42 -9.84
CA VAL F 19 -16.12 30.91 -10.98
C VAL F 19 -16.79 30.45 -12.28
N THR F 20 -16.97 31.40 -13.22
CA THR F 20 -17.60 31.16 -14.51
C THR F 20 -16.67 31.64 -15.63
N ILE F 21 -16.20 30.70 -16.46
CA ILE F 21 -15.35 30.97 -17.62
C ILE F 21 -16.19 30.65 -18.86
N THR F 22 -16.30 31.60 -19.79
CA THR F 22 -17.05 31.43 -21.03
C THR F 22 -16.10 31.17 -22.21
N CYS F 23 -16.62 30.49 -23.24
CA CYS F 23 -15.91 30.16 -24.46
C CYS F 23 -16.86 30.23 -25.65
N ARG F 24 -16.49 31.01 -26.67
CA ARG F 24 -17.27 31.17 -27.89
C ARG F 24 -16.57 30.50 -29.08
N ALA F 25 -17.34 29.71 -29.83
CA ALA F 25 -16.86 29.06 -31.05
C ALA F 25 -17.21 29.98 -32.23
N SER F 26 -16.36 30.02 -33.25
CA SER F 26 -16.59 30.87 -34.42
C SER F 26 -17.72 30.34 -35.34
N GLN F 27 -18.08 29.07 -35.15
CA GLN F 27 -19.07 28.31 -35.92
C GLN F 27 -19.85 27.40 -34.95
N ASP F 28 -20.94 26.74 -35.42
CA ASP F 28 -21.69 25.80 -34.58
C ASP F 28 -20.90 24.49 -34.48
N VAL F 29 -20.64 24.04 -33.24
CA VAL F 29 -19.85 22.84 -32.95
C VAL F 29 -20.60 21.81 -32.08
N SER F 30 -21.96 21.90 -31.98
CA SER F 30 -22.83 21.02 -31.18
C SER F 30 -22.37 20.96 -29.71
N THR F 31 -22.14 19.74 -29.17
CA THR F 31 -21.65 19.48 -27.82
C THR F 31 -20.19 19.00 -27.91
N ALA F 32 -19.55 19.14 -29.10
CA ALA F 32 -18.16 18.73 -29.32
C ALA F 32 -17.16 19.73 -28.72
N VAL F 33 -17.28 19.95 -27.39
CA VAL F 33 -16.45 20.87 -26.62
C VAL F 33 -15.93 20.20 -25.34
N ALA F 34 -14.63 20.34 -25.08
CA ALA F 34 -13.96 19.83 -23.88
C ALA F 34 -13.31 20.98 -23.10
N TRP F 35 -13.12 20.79 -21.78
CA TRP F 35 -12.48 21.75 -20.88
C TRP F 35 -11.31 21.07 -20.18
N TYR F 36 -10.19 21.80 -20.05
CA TYR F 36 -8.94 21.30 -19.47
C TYR F 36 -8.40 22.22 -18.40
N GLN F 37 -7.60 21.64 -17.49
CA GLN F 37 -6.92 22.36 -16.41
C GLN F 37 -5.43 22.16 -16.62
N GLN F 38 -4.70 23.26 -16.82
CA GLN F 38 -3.26 23.16 -17.02
C GLN F 38 -2.46 23.91 -15.97
N LYS F 39 -1.72 23.14 -15.16
CA LYS F 39 -0.82 23.65 -14.15
C LYS F 39 0.51 23.93 -14.86
N PRO F 40 1.16 25.10 -14.64
CA PRO F 40 2.41 25.40 -15.36
C PRO F 40 3.51 24.35 -15.18
N GLY F 41 3.97 23.78 -16.31
CA GLY F 41 4.99 22.74 -16.34
C GLY F 41 4.42 21.33 -16.41
N LYS F 42 3.09 21.22 -16.48
CA LYS F 42 2.37 19.94 -16.57
C LYS F 42 1.49 19.94 -17.82
N ALA F 43 1.12 18.74 -18.29
CA ALA F 43 0.25 18.55 -19.46
C ALA F 43 -1.19 18.90 -19.06
N PRO F 44 -2.05 19.36 -20.02
CA PRO F 44 -3.44 19.66 -19.64
C PRO F 44 -4.20 18.42 -19.15
N LYS F 45 -5.00 18.60 -18.09
CA LYS F 45 -5.81 17.54 -17.47
C LYS F 45 -7.26 17.76 -17.88
N LEU F 46 -7.89 16.76 -18.52
CA LEU F 46 -9.28 16.83 -18.97
C LEU F 46 -10.24 16.92 -17.79
N LEU F 47 -11.16 17.89 -17.84
CA LEU F 47 -12.16 18.12 -16.79
C LEU F 47 -13.56 17.73 -17.27
N ILE F 48 -14.01 18.34 -18.39
CA ILE F 48 -15.33 18.17 -18.99
C ILE F 48 -15.18 17.80 -20.46
N TYR F 49 -16.00 16.85 -20.95
CA TYR F 49 -16.08 16.44 -22.36
C TYR F 49 -17.56 16.45 -22.72
N SER F 50 -17.89 16.36 -24.03
CA SER F 50 -19.25 16.40 -24.57
C SER F 50 -20.06 17.60 -24.03
N ALA F 51 -19.35 18.73 -23.81
CA ALA F 51 -19.81 20.01 -23.28
C ALA F 51 -20.35 19.99 -21.84
N SER F 52 -20.91 18.85 -21.37
CA SER F 52 -21.50 18.75 -20.03
C SER F 52 -21.17 17.47 -19.23
N PHE F 53 -20.29 16.61 -19.75
CA PHE F 53 -19.96 15.35 -19.10
C PHE F 53 -18.66 15.42 -18.31
N LEU F 54 -18.74 15.24 -17.00
CA LEU F 54 -17.62 15.28 -16.07
C LEU F 54 -16.74 14.03 -16.21
N TYR F 55 -15.45 14.24 -16.50
CA TYR F 55 -14.46 13.17 -16.64
C TYR F 55 -14.18 12.54 -15.28
N SER F 56 -13.96 11.22 -15.26
CA SER F 56 -13.71 10.44 -14.04
C SER F 56 -12.51 10.97 -13.25
N GLY F 57 -12.69 11.13 -11.94
CA GLY F 57 -11.67 11.60 -11.01
C GLY F 57 -11.59 13.11 -10.84
N VAL F 58 -12.39 13.85 -11.62
CA VAL F 58 -12.45 15.31 -11.57
C VAL F 58 -13.46 15.72 -10.51
N PRO F 59 -13.09 16.60 -9.53
CA PRO F 59 -14.06 17.01 -8.49
C PRO F 59 -15.37 17.54 -9.06
N SER F 60 -16.51 17.15 -8.44
CA SER F 60 -17.87 17.54 -8.83
C SER F 60 -18.14 19.06 -8.79
N ARG F 61 -17.18 19.84 -8.24
CA ARG F 61 -17.28 21.30 -8.20
C ARG F 61 -17.13 21.88 -9.60
N PHE F 62 -16.44 21.12 -10.50
CA PHE F 62 -16.24 21.46 -11.91
C PHE F 62 -17.43 20.93 -12.71
N SER F 63 -18.10 21.82 -13.45
CA SER F 63 -19.23 21.50 -14.31
C SER F 63 -19.13 22.29 -15.61
N GLY F 64 -19.84 21.82 -16.64
CA GLY F 64 -19.84 22.46 -17.95
C GLY F 64 -21.21 22.52 -18.57
N SER F 65 -21.49 23.61 -19.30
CA SER F 65 -22.76 23.81 -19.99
C SER F 65 -22.51 24.46 -21.34
N GLY F 66 -23.47 24.30 -22.26
CA GLY F 66 -23.38 24.85 -23.60
C GLY F 66 -23.70 23.86 -24.69
N SER F 67 -24.16 24.40 -25.83
CA SER F 67 -24.52 23.66 -27.04
C SER F 67 -24.61 24.65 -28.19
N GLY F 68 -23.81 24.39 -29.21
CA GLY F 68 -23.79 25.23 -30.41
C GLY F 68 -22.55 26.08 -30.57
N THR F 69 -22.61 27.32 -30.06
CA THR F 69 -21.52 28.27 -30.23
C THR F 69 -21.05 28.92 -28.91
N ASP F 70 -21.84 28.78 -27.82
CA ASP F 70 -21.50 29.37 -26.51
C ASP F 70 -21.44 28.32 -25.41
N PHE F 71 -20.28 28.20 -24.77
CA PHE F 71 -19.98 27.20 -23.74
C PHE F 71 -19.43 27.84 -22.49
N THR F 72 -19.79 27.29 -21.33
CA THR F 72 -19.33 27.82 -20.05
C THR F 72 -18.81 26.72 -19.13
N LEU F 73 -17.77 27.05 -18.35
CA LEU F 73 -17.19 26.17 -17.32
C LEU F 73 -17.49 26.80 -15.97
N THR F 74 -17.95 26.00 -15.00
CA THR F 74 -18.26 26.50 -13.66
C THR F 74 -17.52 25.73 -12.58
N ILE F 75 -16.94 26.47 -11.62
CA ILE F 75 -16.28 25.95 -10.43
C ILE F 75 -17.14 26.48 -9.29
N SER F 76 -18.18 25.69 -8.92
CA SER F 76 -19.20 26.00 -7.91
C SER F 76 -18.64 26.61 -6.62
N SER F 77 -17.61 25.97 -6.06
CA SER F 77 -16.91 26.39 -4.84
C SER F 77 -15.42 26.23 -5.10
N LEU F 78 -14.73 27.36 -5.39
CA LEU F 78 -13.30 27.41 -5.71
C LEU F 78 -12.41 26.95 -4.56
N GLN F 79 -11.39 26.12 -4.87
CA GLN F 79 -10.42 25.59 -3.89
C GLN F 79 -9.02 26.17 -4.12
N PRO F 80 -8.11 26.19 -3.10
CA PRO F 80 -6.77 26.77 -3.33
C PRO F 80 -5.90 26.11 -4.40
N GLU F 81 -6.16 24.80 -4.68
CA GLU F 81 -5.43 24.03 -5.69
C GLU F 81 -6.01 24.19 -7.11
N ASP F 82 -7.08 25.02 -7.26
CA ASP F 82 -7.74 25.28 -8.54
C ASP F 82 -7.04 26.35 -9.40
N PHE F 83 -5.86 26.85 -8.96
CA PHE F 83 -5.10 27.84 -9.74
C PHE F 83 -4.47 27.15 -10.96
N ALA F 84 -4.76 27.66 -12.16
CA ALA F 84 -4.27 27.12 -13.44
C ALA F 84 -4.74 27.98 -14.60
N THR F 85 -4.42 27.54 -15.83
CA THR F 85 -4.86 28.14 -17.07
C THR F 85 -5.83 27.12 -17.68
N TYR F 86 -7.09 27.52 -17.79
CA TYR F 86 -8.17 26.68 -18.28
C TYR F 86 -8.40 26.86 -19.75
N TYR F 87 -8.55 25.76 -20.51
CA TYR F 87 -8.75 25.81 -21.96
C TYR F 87 -10.00 25.08 -22.43
N CYS F 88 -10.79 25.74 -23.28
CA CYS F 88 -11.91 25.11 -23.95
C CYS F 88 -11.33 24.55 -25.27
N GLN F 89 -11.95 23.51 -25.82
CA GLN F 89 -11.47 22.88 -27.03
C GLN F 89 -12.63 22.38 -27.87
N GLN F 90 -12.50 22.50 -29.21
CA GLN F 90 -13.49 21.94 -30.13
C GLN F 90 -12.93 20.70 -30.82
N TYR F 91 -13.75 19.66 -30.89
CA TYR F 91 -13.43 18.43 -31.59
C TYR F 91 -14.56 18.07 -32.53
N TYR F 92 -15.10 19.12 -33.18
CA TYR F 92 -16.12 19.03 -34.21
C TYR F 92 -15.40 18.57 -35.47
N THR F 93 -14.12 18.97 -35.60
CA THR F 93 -13.18 18.58 -36.65
C THR F 93 -11.95 17.90 -36.02
N THR F 94 -11.33 16.94 -36.73
CA THR F 94 -10.15 16.20 -36.27
C THR F 94 -8.97 17.15 -35.97
N ALA F 95 -8.82 18.22 -36.76
CA ALA F 95 -7.82 19.26 -36.55
C ALA F 95 -8.38 20.18 -35.44
N THR F 96 -8.23 19.71 -34.19
CA THR F 96 -8.74 20.36 -32.97
C THR F 96 -8.17 21.75 -32.73
N THR F 97 -9.06 22.66 -32.28
CA THR F 97 -8.76 24.04 -31.94
C THR F 97 -8.96 24.24 -30.43
N PHE F 98 -8.09 25.04 -29.82
CA PHE F 98 -8.15 25.35 -28.40
C PHE F 98 -8.35 26.85 -28.21
N GLY F 99 -8.97 27.21 -27.10
CA GLY F 99 -9.15 28.60 -26.69
C GLY F 99 -7.81 29.16 -26.24
N GLN F 100 -7.68 30.50 -26.16
CA GLN F 100 -6.42 31.13 -25.75
C GLN F 100 -5.99 30.77 -24.31
N GLY F 101 -6.98 30.49 -23.47
CA GLY F 101 -6.79 30.14 -22.07
C GLY F 101 -7.33 31.19 -21.12
N THR F 102 -7.65 30.77 -19.89
CA THR F 102 -8.14 31.64 -18.82
C THR F 102 -7.37 31.33 -17.55
N LYS F 103 -6.57 32.29 -17.07
CA LYS F 103 -5.82 32.11 -15.84
C LYS F 103 -6.74 32.39 -14.64
N VAL F 104 -6.74 31.48 -13.67
CA VAL F 104 -7.53 31.60 -12.45
C VAL F 104 -6.55 31.74 -11.28
N GLU F 105 -6.58 32.88 -10.61
CA GLU F 105 -5.73 33.22 -9.47
C GLU F 105 -6.56 33.13 -8.18
N ILE F 106 -5.93 32.74 -7.07
CA ILE F 106 -6.61 32.61 -5.78
C ILE F 106 -6.34 33.80 -4.87
N LYS F 107 -7.43 34.46 -4.43
CA LYS F 107 -7.40 35.60 -3.51
C LYS F 107 -7.46 35.06 -2.10
N ARG F 108 -6.81 35.75 -1.16
CA ARG F 108 -6.76 35.37 0.25
C ARG F 108 -6.43 36.58 1.12
N THR F 109 -6.36 36.38 2.45
CA THR F 109 -5.99 37.39 3.44
C THR F 109 -4.54 37.82 3.17
N VAL F 110 -4.20 39.04 3.58
CA VAL F 110 -2.85 39.60 3.39
C VAL F 110 -1.84 38.89 4.27
N ALA F 111 -0.75 38.38 3.66
CA ALA F 111 0.35 37.69 4.34
C ALA F 111 1.65 38.43 4.06
N ALA F 112 2.30 38.91 5.12
CA ALA F 112 3.57 39.64 5.06
C ALA F 112 4.72 38.69 4.71
N PRO F 113 5.63 39.05 3.76
CA PRO F 113 6.74 38.14 3.42
C PRO F 113 7.85 38.09 4.48
N SER F 114 8.56 36.96 4.51
CA SER F 114 9.74 36.77 5.37
C SER F 114 10.92 37.08 4.45
N VAL F 115 11.52 38.27 4.60
CA VAL F 115 12.61 38.70 3.73
C VAL F 115 13.96 38.18 4.22
N PHE F 116 14.74 37.62 3.27
CA PHE F 116 16.08 37.06 3.49
C PHE F 116 17.04 37.59 2.44
N ILE F 117 18.26 37.92 2.86
CA ILE F 117 19.31 38.39 1.95
C ILE F 117 20.47 37.38 1.95
N PHE F 118 20.88 36.95 0.76
CA PHE F 118 21.98 36.01 0.59
C PHE F 118 23.15 36.69 -0.11
N PRO F 119 24.29 36.86 0.58
CA PRO F 119 25.45 37.50 -0.05
C PRO F 119 26.12 36.58 -1.08
N PRO F 120 26.87 37.11 -2.07
CA PRO F 120 27.58 36.21 -3.02
C PRO F 120 28.55 35.28 -2.29
N SER F 121 28.56 34.00 -2.69
CA SER F 121 29.45 32.99 -2.12
C SER F 121 30.88 33.20 -2.63
N ASP F 122 31.90 32.69 -1.89
CA ASP F 122 33.30 32.81 -2.32
C ASP F 122 33.55 32.03 -3.60
N GLU F 123 32.74 30.99 -3.82
CA GLU F 123 32.80 30.13 -5.00
C GLU F 123 32.40 30.86 -6.26
N GLN F 124 31.37 31.72 -6.17
CA GLN F 124 30.92 32.51 -7.31
C GLN F 124 31.93 33.60 -7.59
N LEU F 125 32.48 34.21 -6.51
CA LEU F 125 33.49 35.27 -6.58
C LEU F 125 34.78 34.77 -7.23
N LYS F 126 35.12 33.48 -7.03
CA LYS F 126 36.28 32.79 -7.63
C LYS F 126 36.11 32.68 -9.16
N SER F 127 34.84 32.58 -9.66
CA SER F 127 34.55 32.49 -11.10
C SER F 127 34.53 33.86 -11.82
N GLY F 128 34.53 34.95 -11.04
CA GLY F 128 34.58 36.32 -11.56
C GLY F 128 33.31 37.15 -11.52
N THR F 129 32.22 36.63 -10.90
CA THR F 129 30.93 37.32 -10.81
C THR F 129 30.36 37.32 -9.39
N ALA F 130 29.42 38.24 -9.11
CA ALA F 130 28.76 38.35 -7.81
C ALA F 130 27.25 38.54 -7.94
N SER F 131 26.47 37.56 -7.44
CA SER F 131 25.01 37.60 -7.44
C SER F 131 24.51 37.69 -6.01
N VAL F 132 23.80 38.79 -5.71
CA VAL F 132 23.22 39.06 -4.40
C VAL F 132 21.73 38.71 -4.52
N VAL F 133 21.31 37.64 -3.83
CA VAL F 133 19.93 37.13 -3.89
C VAL F 133 19.09 37.60 -2.72
N CYS F 134 17.91 38.16 -3.02
CA CYS F 134 16.95 38.63 -2.03
C CYS F 134 15.68 37.80 -2.18
N LEU F 135 15.27 37.15 -1.08
CA LEU F 135 14.12 36.27 -1.02
C LEU F 135 12.98 36.84 -0.17
N LEU F 136 11.79 36.95 -0.78
CA LEU F 136 10.55 37.39 -0.16
C LEU F 136 9.76 36.08 -0.08
N ASN F 137 9.69 35.48 1.10
CA ASN F 137 9.08 34.16 1.27
C ASN F 137 7.65 34.18 1.82
N ASN F 138 6.76 33.47 1.11
CA ASN F 138 5.34 33.24 1.38
C ASN F 138 4.56 34.52 1.71
N PHE F 139 4.12 35.22 0.66
CA PHE F 139 3.37 36.47 0.77
C PHE F 139 2.16 36.56 -0.14
N TYR F 140 1.16 37.37 0.27
CA TYR F 140 -0.01 37.72 -0.50
C TYR F 140 -0.45 39.16 -0.16
N PRO F 141 -0.77 40.05 -1.14
CA PRO F 141 -0.83 39.84 -2.61
C PRO F 141 0.53 39.73 -3.31
N ARG F 142 0.51 39.44 -4.64
CA ARG F 142 1.69 39.31 -5.51
C ARG F 142 2.47 40.64 -5.58
N GLU F 143 1.75 41.79 -5.63
CA GLU F 143 2.32 43.13 -5.72
C GLU F 143 3.29 43.40 -4.58
N ALA F 144 4.58 43.47 -4.92
CA ALA F 144 5.67 43.72 -4.00
C ALA F 144 6.78 44.48 -4.71
N LYS F 145 7.13 45.66 -4.18
CA LYS F 145 8.18 46.52 -4.72
C LYS F 145 9.52 46.15 -4.07
N VAL F 146 10.50 45.72 -4.88
CA VAL F 146 11.83 45.35 -4.42
C VAL F 146 12.85 46.36 -4.96
N GLN F 147 13.54 47.05 -4.06
CA GLN F 147 14.54 48.02 -4.42
C GLN F 147 15.88 47.65 -3.83
N TRP F 148 16.92 47.73 -4.66
CA TRP F 148 18.28 47.45 -4.26
C TRP F 148 18.99 48.77 -4.03
N LYS F 149 19.55 48.95 -2.82
CA LYS F 149 20.30 50.14 -2.46
C LYS F 149 21.72 49.73 -2.08
N VAL F 150 22.69 50.03 -2.96
CA VAL F 150 24.10 49.72 -2.75
C VAL F 150 24.81 51.00 -2.26
N ASP F 151 25.19 51.02 -0.97
CA ASP F 151 25.81 52.15 -0.26
C ASP F 151 24.95 53.42 -0.35
N ASN F 152 23.61 53.23 -0.19
CA ASN F 152 22.51 54.21 -0.25
C ASN F 152 22.16 54.65 -1.67
N ALA F 153 22.84 54.09 -2.70
CA ALA F 153 22.58 54.41 -4.10
C ALA F 153 21.58 53.41 -4.66
N LEU F 154 20.41 53.91 -5.09
CA LEU F 154 19.33 53.12 -5.68
C LEU F 154 19.78 52.53 -7.01
N GLN F 155 19.65 51.21 -7.15
CA GLN F 155 20.05 50.43 -8.32
C GLN F 155 18.96 50.29 -9.37
N SER F 156 19.38 50.25 -10.66
CA SER F 156 18.47 50.09 -11.79
C SER F 156 19.17 49.40 -12.98
N GLY F 157 18.46 48.43 -13.57
CA GLY F 157 18.92 47.67 -14.73
C GLY F 157 19.98 46.63 -14.47
N ASN F 158 20.18 46.23 -13.20
CA ASN F 158 21.17 45.23 -12.81
C ASN F 158 20.60 44.17 -11.86
N SER F 159 19.27 44.08 -11.81
CA SER F 159 18.52 43.14 -10.98
C SER F 159 17.35 42.52 -11.74
N GLN F 160 17.12 41.21 -11.52
CA GLN F 160 16.04 40.44 -12.14
C GLN F 160 15.22 39.71 -11.10
N GLU F 161 13.89 39.77 -11.24
CA GLU F 161 12.93 39.13 -10.33
C GLU F 161 12.38 37.84 -10.90
N SER F 162 12.03 36.90 -10.00
CA SER F 162 11.43 35.62 -10.35
C SER F 162 10.42 35.25 -9.27
N VAL F 163 9.16 34.99 -9.67
CA VAL F 163 8.08 34.65 -8.74
C VAL F 163 7.59 33.20 -8.93
N THR F 164 7.35 32.50 -7.82
CA THR F 164 6.83 31.12 -7.82
C THR F 164 5.34 31.16 -8.09
N GLU F 165 4.78 30.05 -8.60
CA GLU F 165 3.33 29.92 -8.81
C GLU F 165 2.71 29.77 -7.42
N GLN F 166 1.43 30.14 -7.26
CA GLN F 166 0.71 30.09 -5.98
C GLN F 166 0.80 28.74 -5.27
N ASP F 167 0.79 28.75 -3.93
CA ASP F 167 0.84 27.50 -3.17
C ASP F 167 -0.52 26.82 -3.27
N SER F 168 -0.53 25.48 -3.46
CA SER F 168 -1.76 24.69 -3.61
C SER F 168 -2.60 24.63 -2.34
N LYS F 169 -2.04 25.08 -1.20
CA LYS F 169 -2.71 25.07 0.10
C LYS F 169 -2.98 26.47 0.66
N ASP F 170 -1.93 27.29 0.87
CA ASP F 170 -2.10 28.63 1.44
C ASP F 170 -2.08 29.80 0.42
N SER F 171 -2.15 29.50 -0.90
CA SER F 171 -2.22 30.45 -2.03
C SER F 171 -1.19 31.61 -2.00
N THR F 172 -0.01 31.38 -1.39
CA THR F 172 1.04 32.40 -1.28
C THR F 172 2.04 32.36 -2.45
N TYR F 173 2.82 33.44 -2.58
CA TYR F 173 3.88 33.58 -3.57
C TYR F 173 5.19 33.68 -2.83
N SER F 174 6.27 33.37 -3.53
CA SER F 174 7.63 33.55 -3.06
C SER F 174 8.33 34.25 -4.22
N LEU F 175 9.16 35.25 -3.91
CA LEU F 175 9.83 36.02 -4.95
C LEU F 175 11.33 36.12 -4.68
N SER F 176 12.12 36.00 -5.76
CA SER F 176 13.56 36.15 -5.73
C SER F 176 13.92 37.40 -6.52
N SER F 177 14.90 38.16 -6.05
CA SER F 177 15.43 39.35 -6.70
C SER F 177 16.94 39.20 -6.68
N THR F 178 17.53 38.95 -7.86
CA THR F 178 18.95 38.71 -7.99
C THR F 178 19.68 39.90 -8.59
N LEU F 179 20.51 40.57 -7.76
CA LEU F 179 21.33 41.69 -8.19
C LEU F 179 22.64 41.09 -8.69
N THR F 180 22.98 41.33 -9.97
CA THR F 180 24.20 40.78 -10.55
C THR F 180 25.17 41.88 -10.95
N LEU F 181 26.43 41.74 -10.50
CA LEU F 181 27.58 42.62 -10.77
C LEU F 181 28.81 41.73 -11.01
N SER F 182 29.92 42.33 -11.45
CA SER F 182 31.18 41.61 -11.64
C SER F 182 31.89 41.57 -10.28
N LYS F 183 32.91 40.69 -10.13
CA LYS F 183 33.70 40.59 -8.89
C LYS F 183 34.36 41.95 -8.60
N ALA F 184 34.81 42.64 -9.68
CA ALA F 184 35.43 43.96 -9.67
C ALA F 184 34.48 45.01 -9.08
N ASP F 185 33.27 45.18 -9.66
CA ASP F 185 32.24 46.14 -9.23
C ASP F 185 31.71 45.87 -7.82
N TYR F 186 31.68 44.59 -7.42
CA TYR F 186 31.20 44.17 -6.11
C TYR F 186 32.12 44.61 -4.96
N GLU F 187 33.44 44.54 -5.17
CA GLU F 187 34.48 44.92 -4.21
C GLU F 187 34.55 46.44 -3.98
N LYS F 188 33.97 47.22 -4.91
CA LYS F 188 33.95 48.69 -4.87
C LYS F 188 32.86 49.26 -3.93
N HIS F 189 32.12 48.38 -3.23
CA HIS F 189 31.02 48.79 -2.34
C HIS F 189 30.95 47.97 -1.04
N LYS F 190 30.36 48.55 0.02
CA LYS F 190 30.25 47.90 1.33
C LYS F 190 28.86 47.39 1.68
N VAL F 191 27.87 48.29 1.76
CA VAL F 191 26.50 47.97 2.16
C VAL F 191 25.63 47.59 0.97
N TYR F 192 25.08 46.37 1.03
CA TYR F 192 24.18 45.82 0.02
C TYR F 192 22.85 45.61 0.70
N ALA F 193 21.89 46.51 0.43
CA ALA F 193 20.56 46.48 1.06
C ALA F 193 19.45 46.14 0.09
N CYS F 194 18.47 45.37 0.57
CA CYS F 194 17.30 44.97 -0.17
C CYS F 194 16.05 45.50 0.56
N GLU F 195 15.45 46.58 0.02
CA GLU F 195 14.27 47.23 0.57
C GLU F 195 13.02 46.61 -0.05
N VAL F 196 12.14 46.06 0.81
CA VAL F 196 10.90 45.38 0.41
C VAL F 196 9.66 46.14 0.88
N THR F 197 8.80 46.53 -0.06
CA THR F 197 7.54 47.23 0.19
C THR F 197 6.39 46.30 -0.20
N HIS F 198 5.56 45.91 0.78
CA HIS F 198 4.43 45.01 0.59
C HIS F 198 3.28 45.41 1.53
N GLN F 199 2.02 45.09 1.14
CA GLN F 199 0.80 45.36 1.91
C GLN F 199 0.83 44.77 3.32
N GLY F 200 1.49 43.62 3.48
CA GLY F 200 1.64 42.94 4.76
C GLY F 200 2.57 43.64 5.75
N LEU F 201 3.48 44.48 5.22
CA LEU F 201 4.44 45.23 6.03
C LEU F 201 3.98 46.68 6.18
N SER F 202 3.80 47.13 7.43
CA SER F 202 3.37 48.49 7.80
C SER F 202 4.35 49.57 7.30
N SER F 203 5.65 49.25 7.32
CA SER F 203 6.76 50.11 6.88
C SER F 203 7.77 49.26 6.12
N PRO F 204 8.30 49.73 4.95
CA PRO F 204 9.26 48.92 4.18
C PRO F 204 10.40 48.27 4.98
N VAL F 205 10.57 46.95 4.80
CA VAL F 205 11.58 46.15 5.49
C VAL F 205 12.87 46.12 4.68
N THR F 206 14.01 46.42 5.34
CA THR F 206 15.32 46.41 4.73
C THR F 206 16.14 45.27 5.32
N LYS F 207 16.78 44.48 4.44
CA LYS F 207 17.68 43.38 4.81
C LYS F 207 19.01 43.71 4.16
N SER F 208 20.08 43.76 4.96
CA SER F 208 21.39 44.17 4.49
C SER F 208 22.55 43.32 5.03
N PHE F 209 23.74 43.57 4.48
CA PHE F 209 25.02 42.97 4.88
C PHE F 209 26.18 43.86 4.40
N ASN F 210 27.30 43.77 5.12
CA ASN F 210 28.53 44.49 4.78
C ASN F 210 29.45 43.44 4.13
N ARG F 211 29.87 43.70 2.87
CA ARG F 211 30.71 42.79 2.08
C ARG F 211 31.98 42.35 2.82
N GLY F 212 32.17 41.04 2.90
CA GLY F 212 33.30 40.42 3.59
C GLY F 212 32.97 40.00 5.01
N GLU F 213 32.14 40.80 5.69
CA GLU F 213 31.70 40.61 7.07
C GLU F 213 30.61 39.54 7.21
N CYS F 214 30.55 38.90 8.39
CA CYS F 214 29.58 37.85 8.72
C CYS F 214 29.01 38.04 10.12
C1 GOL G . -58.53 -4.85 28.69
O1 GOL G . -57.28 -4.69 28.04
C2 GOL G . -58.89 -3.61 29.48
O2 GOL G . -59.02 -2.49 28.59
C3 GOL G . -60.18 -3.81 30.22
O3 GOL G . -60.05 -4.80 31.24
C1 GOL H . 18.17 -22.69 88.45
O1 GOL H . 19.25 -23.58 88.17
C2 GOL H . 18.24 -21.50 87.53
O2 GOL H . 18.47 -21.96 86.19
C3 GOL H . 16.94 -20.71 87.57
O3 GOL H . 17.08 -19.46 86.92
#